data_4M8M
#
_entry.id   4M8M
#
_cell.length_a   53.216
_cell.length_b   146.100
_cell.length_c   209.581
_cell.angle_alpha   90.00
_cell.angle_beta   90.00
_cell.angle_gamma   90.00
#
_symmetry.space_group_name_H-M   'P 21 21 21'
#
loop_
_entity.id
_entity.type
_entity.pdbx_description
1 polymer 'GCN4 coiled-coil fused zebrafish PlexinC1'
2 water water
#
_entity_poly.entity_id   1
_entity_poly.type   'polypeptide(L)'
_entity_poly.pdbx_seq_one_letter_code
;GGSVKQLEDKVEELLSKNAHLENEVARLKKLQKQMSKKMNDQLELMESNIRRDIRQGFVDLQTEKSDLIDNVGAIPFLDY
KHFASRIFFPEAGTLTAVMIRDIGEDSEQTTVDEKCLAFAELIRDKQFLSCFVHALEEQKNFSIKDKCTVASLLTLALHG
DLLYLTEIMEDLLQSLMDQSSNANPKLLLRRTESIVEKLLTNWMSICLYGFLRESVGQPLFLLVSALTQQISKGPVDSVT
EKALYTLSEDWLLCQAQDFEPLKLKVVFAVGTGEEISESLEVIALTCDTIQQVKEKILQTFQRKFGFRYTQQIRDIEIEY
EKEGKFVMLQEVDDTSEIRGHVTMLNTLKHYQVGDGACIKVITPKIHAPLKTQNSVKDDKNFSIKYFHLVDPDIDTDLSN
HPEKKALKIKEMYLIKLLSTKVAVHSFVENLFKSIWGLPNNKAPLAVKYFFDFLDEQAERKKITDPDVLHIWKTNSLPLR
FWVNILKNPDFVFSDMEKSPHLDGCLSVIAQAFMDSFSLTDTHLDKHSPTNKLLYGKDIPQYKQEVKSYYKLVKDQTSIS
SQELKTFLQEESKKHQNEFNESAALRELYKYMQRYFTEIFQKLEQTDAPSNLKENMHRVKELFDNMKRSGWN
;
_entity_poly.pdbx_strand_id   A,B
#
# COMPACT_ATOMS: atom_id res chain seq x y z
N GLU A 8 -43.88 16.31 -73.81
CA GLU A 8 -44.06 17.30 -72.75
C GLU A 8 -44.45 16.66 -71.42
N ASP A 9 -44.31 15.34 -71.33
CA ASP A 9 -44.72 14.61 -70.14
C ASP A 9 -43.61 14.51 -69.09
N LYS A 10 -42.55 15.30 -69.27
CA LYS A 10 -41.37 15.26 -68.39
C LYS A 10 -41.73 15.46 -66.92
N VAL A 11 -42.70 16.33 -66.69
CA VAL A 11 -43.23 16.62 -65.35
C VAL A 11 -43.56 15.34 -64.58
N GLU A 12 -44.01 14.31 -65.29
CA GLU A 12 -44.23 13.01 -64.68
C GLU A 12 -42.92 12.50 -64.08
N GLU A 13 -41.95 12.24 -64.95
CA GLU A 13 -40.68 11.63 -64.53
C GLU A 13 -40.00 12.37 -63.39
N LEU A 14 -39.75 13.66 -63.61
CA LEU A 14 -39.17 14.55 -62.60
C LEU A 14 -39.83 14.40 -61.24
N LEU A 15 -41.14 14.18 -61.21
CA LEU A 15 -41.81 13.92 -59.94
C LEU A 15 -41.39 12.57 -59.40
N SER A 16 -41.63 11.50 -60.17
CA SER A 16 -41.32 10.14 -59.75
C SER A 16 -39.91 10.07 -59.20
N LYS A 17 -38.94 10.43 -60.04
CA LYS A 17 -37.56 10.52 -59.63
C LYS A 17 -37.41 11.24 -58.29
N ASN A 18 -37.87 12.49 -58.23
CA ASN A 18 -37.79 13.27 -56.99
C ASN A 18 -38.31 12.50 -55.79
N ALA A 19 -39.47 11.87 -55.96
CA ALA A 19 -40.07 11.07 -54.91
C ALA A 19 -38.99 10.15 -54.37
N HIS A 20 -38.53 9.26 -55.25
CA HIS A 20 -37.49 8.30 -54.91
C HIS A 20 -36.35 9.03 -54.23
N LEU A 21 -35.82 10.07 -54.87
CA LEU A 21 -34.68 10.80 -54.30
C LEU A 21 -34.99 11.23 -52.90
N GLU A 22 -36.10 11.97 -52.74
CA GLU A 22 -36.46 12.50 -51.44
C GLU A 22 -36.49 11.35 -50.41
N ASN A 23 -37.07 10.21 -50.79
CA ASN A 23 -37.19 9.12 -49.84
C ASN A 23 -35.83 8.76 -49.29
N GLU A 24 -34.87 8.58 -50.20
CA GLU A 24 -33.50 8.28 -49.80
C GLU A 24 -33.06 9.27 -48.74
N VAL A 25 -33.16 10.56 -49.05
CA VAL A 25 -32.78 11.61 -48.09
C VAL A 25 -33.37 11.34 -46.71
N ALA A 26 -34.70 11.18 -46.67
CA ALA A 26 -35.41 10.84 -45.44
C ALA A 26 -34.63 9.75 -44.69
N ARG A 27 -34.62 8.55 -45.27
CA ARG A 27 -33.97 7.40 -44.66
C ARG A 27 -32.59 7.81 -44.21
N LEU A 28 -31.83 8.42 -45.13
CA LEU A 28 -30.46 8.79 -44.82
C LEU A 28 -30.41 9.53 -43.49
N LYS A 29 -31.13 10.64 -43.43
CA LYS A 29 -31.20 11.45 -42.23
C LYS A 29 -31.53 10.57 -41.03
N LYS A 30 -32.68 9.90 -41.06
CA LYS A 30 -33.07 8.97 -40.00
C LYS A 30 -31.89 8.12 -39.61
N LEU A 31 -31.37 7.36 -40.60
CA LEU A 31 -30.24 6.46 -40.36
C LEU A 31 -29.18 7.19 -39.58
N GLN A 32 -28.66 8.25 -40.20
CA GLN A 32 -27.62 9.08 -39.62
C GLN A 32 -27.98 9.37 -38.18
N LYS A 33 -29.13 10.02 -38.01
CA LYS A 33 -29.66 10.39 -36.70
C LYS A 33 -29.55 9.22 -35.72
N GLN A 34 -30.18 8.10 -36.06
CA GLN A 34 -30.18 6.93 -35.19
C GLN A 34 -28.76 6.55 -34.86
N MET A 35 -27.93 6.38 -35.88
CA MET A 35 -26.53 6.05 -35.65
C MET A 35 -25.86 7.02 -34.67
N SER A 36 -26.08 8.33 -34.85
CA SER A 36 -25.52 9.30 -33.89
C SER A 36 -25.88 8.91 -32.47
N LYS A 37 -27.19 8.77 -32.21
CA LYS A 37 -27.65 8.38 -30.89
C LYS A 37 -26.89 7.17 -30.39
N LYS A 38 -26.80 6.14 -31.23
CA LYS A 38 -26.14 4.89 -30.84
C LYS A 38 -24.78 5.20 -30.25
N MET A 39 -23.99 5.97 -31.00
CA MET A 39 -22.66 6.33 -30.54
C MET A 39 -22.72 6.95 -29.15
N ASN A 40 -23.53 8.00 -29.00
CA ASN A 40 -23.64 8.71 -27.73
C ASN A 40 -24.08 7.80 -26.59
N ASP A 41 -24.82 6.75 -26.92
CA ASP A 41 -25.25 5.82 -25.90
C ASP A 41 -24.12 4.87 -25.60
N GLN A 42 -23.48 4.36 -26.66
CA GLN A 42 -22.37 3.42 -26.53
C GLN A 42 -21.37 3.99 -25.53
N LEU A 43 -20.86 5.18 -25.85
CA LEU A 43 -20.01 5.95 -24.93
C LEU A 43 -20.51 5.83 -23.50
N GLU A 44 -21.71 6.33 -23.25
CA GLU A 44 -22.26 6.33 -21.90
C GLU A 44 -22.04 4.98 -21.24
N LEU A 45 -22.51 3.91 -21.87
CA LEU A 45 -22.37 2.57 -21.30
C LEU A 45 -20.94 2.30 -20.92
N MET A 46 -20.01 2.39 -21.88
CA MET A 46 -18.63 2.04 -21.60
C MET A 46 -18.12 2.88 -20.44
N GLU A 47 -18.46 4.16 -20.46
CA GLU A 47 -18.08 5.06 -19.38
C GLU A 47 -18.47 4.42 -18.06
N SER A 48 -19.77 4.19 -17.86
CA SER A 48 -20.24 3.61 -16.62
C SER A 48 -19.46 2.35 -16.29
N ASN A 49 -19.38 1.44 -17.25
CA ASN A 49 -18.70 0.18 -16.99
C ASN A 49 -17.32 0.42 -16.45
N ILE A 50 -16.56 1.25 -17.16
CA ILE A 50 -15.23 1.62 -16.70
C ILE A 50 -15.22 2.02 -15.23
N ARG A 51 -16.04 3.01 -14.84
CA ARG A 51 -16.07 3.43 -13.44
C ARG A 51 -16.30 2.24 -12.52
N ARG A 52 -17.39 1.51 -12.80
CA ARG A 52 -17.76 0.36 -11.97
C ARG A 52 -16.61 -0.62 -11.75
N ASP A 53 -15.72 -0.73 -12.72
CA ASP A 53 -14.60 -1.65 -12.56
C ASP A 53 -13.48 -0.97 -11.82
N ILE A 54 -13.09 0.23 -12.27
CA ILE A 54 -11.99 0.97 -11.66
C ILE A 54 -12.19 1.04 -10.15
N ARG A 55 -13.24 1.75 -9.74
CA ARG A 55 -13.65 1.79 -8.34
C ARG A 55 -13.65 0.43 -7.68
N GLN A 56 -14.32 -0.55 -8.28
CA GLN A 56 -14.37 -1.88 -7.66
C GLN A 56 -12.96 -2.36 -7.34
N GLY A 57 -12.06 -2.23 -8.31
CA GLY A 57 -10.67 -2.62 -8.11
C GLY A 57 -10.09 -1.94 -6.88
N PHE A 58 -10.25 -0.63 -6.84
CA PHE A 58 -9.77 0.18 -5.72
C PHE A 58 -10.34 -0.37 -4.42
N VAL A 59 -11.64 -0.60 -4.41
CA VAL A 59 -12.31 -1.05 -3.20
C VAL A 59 -11.72 -2.41 -2.78
N ASP A 60 -11.43 -3.25 -3.76
CA ASP A 60 -10.88 -4.56 -3.43
C ASP A 60 -9.53 -4.44 -2.75
N LEU A 61 -8.74 -3.43 -3.14
CA LEU A 61 -7.42 -3.26 -2.55
C LEU A 61 -7.57 -2.82 -1.10
N GLN A 62 -8.70 -2.21 -0.79
CA GLN A 62 -8.89 -1.65 0.53
C GLN A 62 -9.72 -2.55 1.44
N THR A 63 -10.15 -3.69 0.94
CA THR A 63 -11.05 -4.54 1.70
C THR A 63 -10.62 -6.00 1.75
N GLU A 64 -9.40 -6.31 1.31
CA GLU A 64 -8.98 -7.71 1.25
C GLU A 64 -8.93 -8.37 2.62
N LYS A 65 -9.88 -9.25 2.90
CA LYS A 65 -9.85 -10.06 4.12
C LYS A 65 -8.75 -11.11 4.00
N SER A 66 -8.29 -11.61 5.14
CA SER A 66 -7.22 -12.60 5.16
C SER A 66 -7.77 -14.02 5.27
N ASP A 67 -8.20 -14.56 4.14
CA ASP A 67 -8.81 -15.89 4.10
C ASP A 67 -7.84 -16.90 3.49
N LEU A 68 -6.61 -16.46 3.26
CA LEU A 68 -5.57 -17.36 2.75
C LEU A 68 -5.04 -18.25 3.86
N ILE A 69 -5.68 -18.20 5.02
CA ILE A 69 -5.24 -19.02 6.14
C ILE A 69 -5.72 -20.46 5.98
N ASP A 70 -5.00 -21.24 5.16
CA ASP A 70 -5.39 -22.63 4.91
C ASP A 70 -4.38 -23.68 5.35
N ASN A 71 -4.83 -24.54 6.26
CA ASN A 71 -3.96 -25.47 6.96
C ASN A 71 -3.63 -26.72 6.17
N VAL A 72 -2.47 -27.29 6.47
CA VAL A 72 -2.03 -28.49 5.80
C VAL A 72 -1.32 -29.42 6.77
N GLY A 73 -0.52 -28.86 7.66
CA GLY A 73 0.15 -29.66 8.67
C GLY A 73 1.48 -30.21 8.20
N ALA A 74 1.51 -31.49 7.87
CA ALA A 74 2.74 -32.12 7.39
C ALA A 74 2.81 -31.98 5.87
N ILE A 75 3.96 -31.55 5.38
CA ILE A 75 4.14 -31.20 3.97
C ILE A 75 4.45 -32.42 3.09
N PRO A 76 3.80 -32.52 1.90
CA PRO A 76 4.05 -33.65 0.99
C PRO A 76 5.28 -33.46 0.11
N PHE A 77 6.44 -33.79 0.67
CA PHE A 77 7.71 -33.69 -0.06
C PHE A 77 7.83 -34.82 -1.06
N LEU A 78 8.71 -34.64 -2.05
CA LEU A 78 9.08 -35.72 -2.95
C LEU A 78 10.17 -36.54 -2.29
N ASP A 79 10.27 -37.82 -2.66
CA ASP A 79 11.41 -38.63 -2.25
C ASP A 79 12.65 -37.96 -2.82
N TYR A 80 13.73 -37.93 -2.05
CA TYR A 80 14.94 -37.20 -2.44
C TYR A 80 15.43 -37.62 -3.83
N LYS A 81 15.19 -38.88 -4.16
CA LYS A 81 15.51 -39.47 -5.45
C LYS A 81 15.16 -38.58 -6.65
N HIS A 82 13.89 -38.17 -6.71
CA HIS A 82 13.39 -37.37 -7.83
C HIS A 82 13.81 -35.91 -7.76
N PHE A 83 13.96 -35.41 -6.54
CA PHE A 83 14.47 -34.06 -6.32
C PHE A 83 15.84 -33.90 -6.96
N ALA A 84 16.73 -34.82 -6.62
CA ALA A 84 18.07 -34.79 -7.17
C ALA A 84 18.04 -35.15 -8.65
N SER A 85 17.13 -36.05 -9.02
CA SER A 85 16.99 -36.45 -10.41
C SER A 85 16.70 -35.25 -11.30
N ARG A 86 15.93 -34.30 -10.77
CA ARG A 86 15.57 -33.10 -11.52
C ARG A 86 16.57 -31.97 -11.37
N ILE A 87 17.35 -31.97 -10.28
CA ILE A 87 18.36 -30.92 -10.12
C ILE A 87 19.71 -31.26 -10.77
N PHE A 88 19.92 -32.53 -11.07
CA PHE A 88 21.15 -32.95 -11.76
C PHE A 88 20.91 -32.94 -13.27
N PHE A 89 19.81 -33.53 -13.70
CA PHE A 89 19.41 -33.52 -15.10
C PHE A 89 18.02 -32.91 -15.26
N PRO A 90 17.98 -31.63 -15.62
CA PRO A 90 16.69 -30.94 -15.77
C PRO A 90 16.20 -30.94 -17.22
N GLU A 91 16.66 -31.92 -18.00
CA GLU A 91 16.31 -31.96 -19.41
C GLU A 91 15.86 -33.36 -19.83
N ALA A 92 16.82 -34.23 -20.09
CA ALA A 92 16.53 -35.60 -20.52
C ALA A 92 16.52 -36.56 -19.33
N GLY A 93 15.61 -37.54 -19.38
CA GLY A 93 15.50 -38.53 -18.32
C GLY A 93 15.56 -39.94 -18.86
N THR A 94 16.40 -40.14 -19.87
CA THR A 94 16.56 -41.45 -20.47
C THR A 94 17.49 -42.30 -19.63
N LEU A 95 18.33 -41.62 -18.84
CA LEU A 95 19.29 -42.31 -17.99
C LEU A 95 18.88 -42.24 -16.53
N THR A 96 18.18 -41.16 -16.18
CA THR A 96 17.78 -40.90 -14.80
C THR A 96 16.92 -42.03 -14.23
N ALA A 97 15.98 -42.50 -15.03
CA ALA A 97 15.05 -43.55 -14.60
C ALA A 97 15.79 -44.84 -14.22
N VAL A 98 16.93 -45.08 -14.86
CA VAL A 98 17.71 -46.28 -14.61
C VAL A 98 18.45 -46.20 -13.27
N MET A 99 18.92 -45.01 -12.94
CA MET A 99 19.70 -44.79 -11.74
C MET A 99 18.81 -44.61 -10.51
N ILE A 100 17.60 -44.12 -10.72
CA ILE A 100 16.66 -43.93 -9.63
C ILE A 100 16.21 -45.27 -9.03
N ARG A 101 15.44 -46.04 -9.80
CA ARG A 101 14.93 -47.32 -9.32
C ARG A 101 16.06 -48.34 -9.21
N VAL A 112 28.60 -55.20 -14.74
CA VAL A 112 29.78 -55.95 -14.37
C VAL A 112 30.32 -55.49 -13.02
N ASP A 113 30.59 -56.45 -12.13
CA ASP A 113 31.13 -56.14 -10.81
C ASP A 113 32.60 -55.73 -10.94
N GLU A 114 33.36 -56.52 -11.70
CA GLU A 114 34.78 -56.27 -11.90
C GLU A 114 35.06 -54.86 -12.46
N LYS A 115 34.51 -54.59 -13.63
CA LYS A 115 34.72 -53.32 -14.32
C LYS A 115 34.28 -52.12 -13.47
N CYS A 116 33.06 -52.19 -12.93
CA CYS A 116 32.51 -51.11 -12.13
C CYS A 116 33.34 -50.87 -10.87
N LEU A 117 33.79 -51.93 -10.21
CA LEU A 117 34.61 -51.78 -9.01
C LEU A 117 35.96 -51.19 -9.37
N ALA A 118 36.46 -51.53 -10.55
CA ALA A 118 37.70 -50.94 -11.04
C ALA A 118 37.56 -49.43 -11.18
N PHE A 119 36.50 -49.00 -11.86
CA PHE A 119 36.27 -47.58 -12.07
C PHE A 119 36.03 -46.83 -10.76
N ALA A 120 35.24 -47.42 -9.87
CA ALA A 120 34.95 -46.82 -8.57
C ALA A 120 36.21 -46.66 -7.72
N GLU A 121 37.06 -47.68 -7.73
CA GLU A 121 38.33 -47.63 -7.02
C GLU A 121 39.27 -46.61 -7.65
N LEU A 122 39.10 -46.40 -8.96
CA LEU A 122 39.91 -45.46 -9.73
C LEU A 122 39.59 -44.01 -9.35
N ILE A 123 38.32 -43.63 -9.52
CA ILE A 123 37.85 -42.27 -9.24
C ILE A 123 38.26 -41.75 -7.86
N ARG A 124 38.39 -42.66 -6.89
CA ARG A 124 38.74 -42.31 -5.52
C ARG A 124 40.19 -41.88 -5.32
N ASP A 125 40.98 -41.89 -6.38
CA ASP A 125 42.33 -41.31 -6.32
C ASP A 125 42.26 -39.84 -6.71
N LYS A 126 42.77 -38.98 -5.84
CA LYS A 126 42.69 -37.54 -6.07
C LYS A 126 43.40 -37.09 -7.34
N GLN A 127 44.57 -37.66 -7.60
CA GLN A 127 45.38 -37.23 -8.74
C GLN A 127 44.76 -37.64 -10.08
N PHE A 128 44.22 -38.86 -10.13
CA PHE A 128 43.57 -39.32 -11.35
C PHE A 128 42.38 -38.45 -11.70
N LEU A 129 41.53 -38.20 -10.69
CA LEU A 129 40.32 -37.45 -10.92
C LEU A 129 40.65 -36.00 -11.25
N SER A 130 41.67 -35.47 -10.59
CA SER A 130 42.15 -34.12 -10.88
C SER A 130 42.57 -34.00 -12.33
N CYS A 131 43.53 -34.82 -12.75
CA CYS A 131 44.00 -34.81 -14.14
C CYS A 131 42.88 -35.09 -15.14
N PHE A 132 41.96 -35.97 -14.76
CA PHE A 132 40.78 -36.26 -15.57
C PHE A 132 40.01 -34.97 -15.85
N VAL A 133 39.57 -34.32 -14.79
CA VAL A 133 38.78 -33.10 -14.93
C VAL A 133 39.54 -32.04 -15.72
N HIS A 134 40.78 -31.74 -15.31
CA HIS A 134 41.54 -30.68 -15.96
C HIS A 134 41.71 -30.94 -17.47
N ALA A 135 42.09 -32.16 -17.81
CA ALA A 135 42.26 -32.54 -19.21
C ALA A 135 40.95 -32.36 -19.96
N LEU A 136 39.87 -32.86 -19.37
CA LEU A 136 38.57 -32.73 -20.01
C LEU A 136 38.15 -31.27 -20.21
N GLU A 137 38.60 -30.41 -19.30
CA GLU A 137 38.22 -29.00 -19.32
C GLU A 137 39.19 -28.23 -20.20
N GLU A 138 40.20 -28.93 -20.70
CA GLU A 138 41.17 -28.33 -21.61
C GLU A 138 40.92 -28.76 -23.05
N GLN A 139 39.67 -29.00 -23.40
CA GLN A 139 39.34 -29.43 -24.76
C GLN A 139 38.22 -28.58 -25.38
N LYS A 140 38.45 -28.12 -26.61
CA LYS A 140 37.47 -27.31 -27.32
C LYS A 140 36.32 -28.16 -27.86
N ASN A 141 36.60 -29.45 -28.07
CA ASN A 141 35.58 -30.38 -28.51
C ASN A 141 34.57 -30.64 -27.40
N PHE A 142 34.91 -30.17 -26.20
CA PHE A 142 34.08 -30.40 -25.01
C PHE A 142 33.10 -29.26 -24.79
N SER A 143 31.83 -29.56 -24.91
CA SER A 143 30.79 -28.56 -24.72
C SER A 143 30.35 -28.47 -23.25
N ILE A 144 29.64 -27.39 -22.92
CA ILE A 144 29.11 -27.18 -21.59
C ILE A 144 28.22 -28.34 -21.16
N LYS A 145 27.23 -28.66 -22.00
CA LYS A 145 26.29 -29.73 -21.72
C LYS A 145 26.99 -31.01 -21.30
N ASP A 146 28.11 -31.29 -21.97
CA ASP A 146 28.93 -32.43 -21.62
C ASP A 146 29.54 -32.26 -20.23
N LYS A 147 30.03 -31.08 -19.93
CA LYS A 147 30.66 -30.80 -18.63
C LYS A 147 29.67 -31.00 -17.48
N CYS A 148 28.47 -30.46 -17.65
CA CYS A 148 27.42 -30.64 -16.66
C CYS A 148 27.05 -32.12 -16.57
N THR A 149 26.97 -32.79 -17.72
CA THR A 149 26.63 -34.20 -17.73
C THR A 149 27.62 -35.01 -16.90
N VAL A 150 28.91 -34.88 -17.18
CA VAL A 150 29.92 -35.63 -16.45
C VAL A 150 30.00 -35.20 -14.97
N ALA A 151 29.74 -33.92 -14.67
CA ALA A 151 29.68 -33.48 -13.28
C ALA A 151 28.58 -34.22 -12.52
N SER A 152 27.39 -34.25 -13.10
CA SER A 152 26.28 -34.99 -12.51
C SER A 152 26.56 -36.50 -12.39
N LEU A 153 27.22 -37.08 -13.40
CA LEU A 153 27.59 -38.49 -13.38
C LEU A 153 28.55 -38.80 -12.23
N LEU A 154 29.50 -37.88 -12.04
CA LEU A 154 30.46 -37.99 -10.97
C LEU A 154 29.74 -37.94 -9.63
N THR A 155 28.84 -36.98 -9.48
CA THR A 155 28.10 -36.83 -8.22
C THR A 155 27.30 -38.09 -7.89
N LEU A 156 26.55 -38.60 -8.88
CA LEU A 156 25.81 -39.85 -8.71
C LEU A 156 26.73 -40.98 -8.29
N ALA A 157 27.89 -41.06 -8.93
CA ALA A 157 28.87 -42.12 -8.67
C ALA A 157 29.52 -42.04 -7.29
N LEU A 158 29.56 -40.84 -6.72
CA LEU A 158 30.26 -40.62 -5.47
C LEU A 158 29.35 -40.10 -4.38
N HIS A 159 28.06 -40.39 -4.49
CA HIS A 159 27.10 -39.82 -3.54
C HIS A 159 27.23 -40.45 -2.16
N GLY A 160 27.77 -41.66 -2.11
CA GLY A 160 27.98 -42.34 -0.84
C GLY A 160 29.29 -41.91 -0.18
N ASP A 161 30.08 -41.12 -0.89
CA ASP A 161 31.36 -40.69 -0.37
C ASP A 161 31.54 -39.17 -0.42
N LEU A 162 30.61 -38.42 0.14
CA LEU A 162 30.58 -36.96 0.02
C LEU A 162 31.81 -36.25 0.58
N LEU A 163 32.57 -36.96 1.40
CA LEU A 163 33.75 -36.37 2.00
C LEU A 163 34.81 -36.20 0.92
N TYR A 164 35.07 -37.28 0.22
CA TYR A 164 35.97 -37.26 -0.93
C TYR A 164 35.50 -36.25 -1.95
N LEU A 165 34.20 -36.25 -2.23
CA LEU A 165 33.62 -35.38 -3.25
C LEU A 165 33.84 -33.92 -2.90
N THR A 166 33.59 -33.58 -1.64
CA THR A 166 33.86 -32.24 -1.15
C THR A 166 35.32 -31.89 -1.39
N GLU A 167 36.22 -32.79 -0.98
CA GLU A 167 37.66 -32.56 -1.14
C GLU A 167 38.07 -32.24 -2.59
N ILE A 168 37.71 -33.13 -3.51
CA ILE A 168 38.06 -32.93 -4.92
C ILE A 168 37.43 -31.65 -5.47
N MET A 169 36.20 -31.35 -5.03
CA MET A 169 35.55 -30.13 -5.46
C MET A 169 36.35 -28.91 -5.02
N GLU A 170 36.77 -28.91 -3.77
CA GLU A 170 37.50 -27.78 -3.22
C GLU A 170 38.84 -27.57 -3.92
N ASP A 171 39.58 -28.65 -4.14
CA ASP A 171 40.85 -28.51 -4.86
C ASP A 171 40.60 -27.96 -6.27
N LEU A 172 39.52 -28.43 -6.90
CA LEU A 172 39.15 -27.94 -8.23
C LEU A 172 38.83 -26.44 -8.23
N LEU A 173 38.18 -25.97 -7.16
CA LEU A 173 37.84 -24.56 -7.01
C LEU A 173 39.07 -23.72 -6.81
N GLN A 174 39.98 -24.19 -5.94
CA GLN A 174 41.25 -23.52 -5.72
C GLN A 174 41.95 -23.34 -7.07
N SER A 175 41.91 -24.40 -7.88
CA SER A 175 42.47 -24.36 -9.23
C SER A 175 41.83 -23.30 -10.12
N LEU A 176 40.51 -23.33 -10.23
CA LEU A 176 39.78 -22.41 -11.10
C LEU A 176 39.96 -20.95 -10.68
N MET A 177 40.21 -20.76 -9.39
CA MET A 177 40.36 -19.43 -8.83
C MET A 177 41.73 -18.88 -9.16
N ASP A 178 42.78 -19.64 -8.82
CA ASP A 178 44.15 -19.16 -9.02
C ASP A 178 44.66 -19.30 -10.46
N GLN A 179 43.92 -20.01 -11.30
CA GLN A 179 44.31 -20.15 -12.70
C GLN A 179 43.98 -18.88 -13.49
N SER A 180 42.92 -18.20 -13.10
CA SER A 180 42.57 -16.92 -13.72
C SER A 180 43.54 -15.83 -13.30
N SER A 181 43.88 -15.82 -12.01
CA SER A 181 44.86 -14.88 -11.42
C SER A 181 44.64 -13.43 -11.84
N ALA A 183 41.52 -12.11 -14.10
CA ALA A 183 41.09 -10.89 -14.78
C ALA A 183 40.37 -9.98 -13.82
N ASN A 184 39.34 -10.51 -13.16
CA ASN A 184 38.65 -9.81 -12.10
C ASN A 184 37.83 -10.77 -11.26
N PRO A 185 38.10 -10.83 -9.97
CA PRO A 185 37.49 -11.83 -9.08
C PRO A 185 35.98 -11.68 -8.95
N LYS A 186 35.42 -10.59 -9.49
CA LYS A 186 33.98 -10.39 -9.44
C LYS A 186 33.26 -11.20 -10.51
N LEU A 187 34.02 -11.77 -11.44
CA LEU A 187 33.41 -12.56 -12.50
C LEU A 187 33.71 -14.06 -12.38
N LEU A 188 33.81 -14.53 -11.14
CA LEU A 188 33.92 -15.96 -10.86
C LEU A 188 32.56 -16.49 -10.43
N LEU A 189 32.31 -17.76 -10.75
CA LEU A 189 31.03 -18.42 -10.42
C LEU A 189 29.80 -17.70 -10.97
N ARG A 190 30.00 -16.92 -12.04
CA ARG A 190 28.91 -16.18 -12.66
C ARG A 190 27.80 -17.12 -13.10
N ARG A 191 28.14 -18.06 -13.97
CA ARG A 191 27.18 -19.04 -14.49
C ARG A 191 27.78 -20.43 -14.43
N THR A 192 27.02 -21.44 -14.83
CA THR A 192 27.49 -22.82 -14.78
C THR A 192 28.07 -23.27 -16.12
N GLU A 193 29.39 -23.25 -16.23
CA GLU A 193 30.04 -23.62 -17.48
C GLU A 193 31.24 -24.55 -17.31
N SER A 194 31.99 -24.39 -16.23
CA SER A 194 33.04 -25.36 -15.94
C SER A 194 32.42 -26.53 -15.18
N ILE A 195 33.16 -27.63 -15.09
CA ILE A 195 32.65 -28.81 -14.41
C ILE A 195 32.54 -28.56 -12.90
N VAL A 196 33.50 -27.81 -12.37
CA VAL A 196 33.54 -27.46 -10.96
C VAL A 196 32.28 -26.71 -10.53
N GLU A 197 31.69 -25.93 -11.43
CA GLU A 197 30.50 -25.15 -11.08
C GLU A 197 29.24 -26.03 -10.94
N LYS A 198 29.00 -26.91 -11.90
CA LYS A 198 27.87 -27.83 -11.82
C LYS A 198 28.06 -28.75 -10.62
N LEU A 199 29.33 -29.07 -10.38
CA LEU A 199 29.71 -29.81 -9.19
C LEU A 199 29.22 -29.07 -7.96
N LEU A 200 29.49 -27.77 -7.92
CA LEU A 200 29.15 -26.94 -6.78
C LEU A 200 27.64 -26.89 -6.56
N THR A 201 26.89 -26.71 -7.63
CA THR A 201 25.44 -26.71 -7.57
C THR A 201 24.90 -28.02 -6.97
N ASN A 202 25.28 -29.13 -7.60
CA ASN A 202 24.81 -30.43 -7.12
C ASN A 202 25.16 -30.65 -5.65
N TRP A 203 26.38 -30.26 -5.29
CA TRP A 203 26.84 -30.33 -3.90
C TRP A 203 25.90 -29.57 -2.97
N MET A 204 25.57 -28.34 -3.35
CA MET A 204 24.64 -27.53 -2.59
C MET A 204 23.32 -28.26 -2.40
N SER A 205 22.80 -28.84 -3.47
CA SER A 205 21.52 -29.56 -3.37
C SER A 205 21.60 -30.67 -2.32
N ILE A 206 22.65 -31.48 -2.38
CA ILE A 206 22.81 -32.56 -1.40
C ILE A 206 22.90 -32.06 0.04
N CYS A 207 23.79 -31.09 0.26
CA CYS A 207 24.09 -30.60 1.60
C CYS A 207 22.99 -29.75 2.21
N LEU A 208 22.12 -29.21 1.36
CA LEU A 208 21.06 -28.36 1.86
C LEU A 208 19.66 -28.93 1.77
N TYR A 209 19.50 -30.11 1.15
CA TYR A 209 18.15 -30.72 1.10
C TYR A 209 17.57 -30.88 2.51
N GLY A 210 18.44 -31.18 3.46
CA GLY A 210 18.04 -31.26 4.86
C GLY A 210 17.40 -29.98 5.33
N PHE A 211 18.15 -28.88 5.27
CA PHE A 211 17.66 -27.55 5.64
C PHE A 211 16.42 -27.15 4.82
N LEU A 212 16.28 -27.74 3.63
CA LEU A 212 15.13 -27.47 2.79
C LEU A 212 13.92 -27.99 3.53
N ARG A 213 13.92 -29.29 3.82
CA ARG A 213 12.83 -29.90 4.58
C ARG A 213 12.62 -29.22 5.93
N GLU A 214 13.72 -28.82 6.56
CA GLU A 214 13.68 -28.19 7.88
C GLU A 214 12.93 -26.86 7.88
N SER A 215 13.49 -25.85 7.22
CA SER A 215 12.94 -24.50 7.34
C SER A 215 12.29 -23.91 6.08
N VAL A 216 12.63 -24.41 4.90
CA VAL A 216 12.19 -23.75 3.66
C VAL A 216 11.05 -24.52 3.00
N GLY A 217 10.87 -25.77 3.42
CA GLY A 217 9.80 -26.59 2.88
C GLY A 217 8.42 -26.00 3.12
N GLN A 218 8.09 -25.76 4.38
CA GLN A 218 6.77 -25.25 4.72
C GLN A 218 6.40 -23.89 4.11
N PRO A 219 7.25 -22.87 4.28
CA PRO A 219 6.82 -21.56 3.79
C PRO A 219 6.70 -21.51 2.27
N LEU A 220 7.47 -22.35 1.58
CA LEU A 220 7.37 -22.45 0.13
C LEU A 220 6.06 -23.10 -0.30
N PHE A 221 5.73 -24.22 0.33
CA PHE A 221 4.48 -24.90 0.03
C PHE A 221 3.29 -23.99 0.34
N LEU A 222 3.39 -23.24 1.44
CA LEU A 222 2.29 -22.37 1.85
C LEU A 222 2.15 -21.20 0.89
N LEU A 223 3.27 -20.74 0.31
CA LEU A 223 3.24 -19.69 -0.70
C LEU A 223 2.58 -20.15 -2.00
N VAL A 224 2.89 -21.38 -2.41
CA VAL A 224 2.25 -21.96 -3.56
C VAL A 224 0.75 -22.11 -3.32
N SER A 225 0.38 -22.66 -2.16
CA SER A 225 -1.02 -22.79 -1.76
C SER A 225 -1.71 -21.43 -1.79
N ALA A 226 -1.00 -20.41 -1.33
CA ALA A 226 -1.55 -19.06 -1.28
C ALA A 226 -1.74 -18.46 -2.67
N LEU A 227 -0.70 -18.52 -3.50
CA LEU A 227 -0.79 -18.02 -4.86
C LEU A 227 -1.87 -18.76 -5.65
N THR A 228 -2.03 -20.03 -5.33
CA THR A 228 -3.03 -20.87 -5.98
C THR A 228 -4.41 -20.36 -5.65
N GLN A 229 -4.64 -20.06 -4.38
CA GLN A 229 -5.94 -19.65 -3.90
C GLN A 229 -6.32 -18.28 -4.43
N GLN A 230 -5.40 -17.33 -4.28
CA GLN A 230 -5.64 -15.93 -4.66
C GLN A 230 -6.01 -15.76 -6.14
N ILE A 231 -5.39 -16.53 -7.03
CA ILE A 231 -5.75 -16.47 -8.44
C ILE A 231 -7.11 -17.13 -8.67
N SER A 232 -7.44 -18.09 -7.81
CA SER A 232 -8.70 -18.82 -7.93
C SER A 232 -9.85 -17.93 -7.53
N LYS A 233 -9.54 -16.82 -6.87
CA LYS A 233 -10.56 -15.87 -6.41
C LYS A 233 -11.25 -15.13 -7.56
N GLY A 234 -10.58 -15.04 -8.70
CA GLY A 234 -11.11 -14.30 -9.84
C GLY A 234 -11.08 -15.08 -11.15
N PRO A 235 -11.66 -14.51 -12.21
CA PRO A 235 -11.91 -15.21 -13.47
C PRO A 235 -10.61 -15.59 -14.18
N VAL A 236 -10.50 -16.84 -14.57
CA VAL A 236 -9.32 -17.27 -15.31
C VAL A 236 -9.68 -17.80 -16.68
N ASP A 237 -9.25 -17.09 -17.71
CA ASP A 237 -9.44 -17.54 -19.08
C ASP A 237 -8.83 -18.93 -19.24
N SER A 238 -9.66 -19.89 -19.64
CA SER A 238 -9.18 -21.27 -19.79
C SER A 238 -8.32 -21.42 -21.04
N VAL A 239 -8.38 -20.41 -21.91
CA VAL A 239 -7.70 -20.47 -23.20
C VAL A 239 -6.30 -19.87 -23.14
N THR A 240 -6.21 -18.54 -23.05
CA THR A 240 -4.91 -17.87 -23.01
C THR A 240 -4.20 -18.10 -21.68
N GLU A 241 -4.91 -18.75 -20.76
CA GLU A 241 -4.43 -19.05 -19.42
C GLU A 241 -4.20 -17.78 -18.60
N LYS A 242 -4.71 -16.65 -19.09
CA LYS A 242 -4.63 -15.38 -18.37
C LYS A 242 -5.67 -15.30 -17.26
N ALA A 243 -5.43 -14.42 -16.28
CA ALA A 243 -6.36 -14.31 -15.17
C ALA A 243 -6.43 -12.89 -14.65
N LEU A 244 -7.33 -12.68 -13.68
CA LEU A 244 -7.57 -11.34 -13.17
C LEU A 244 -6.60 -11.02 -12.07
N TYR A 245 -6.42 -11.98 -11.17
CA TYR A 245 -5.45 -11.82 -10.10
C TYR A 245 -4.09 -12.41 -10.51
N THR A 246 -3.10 -11.55 -10.70
CA THR A 246 -1.78 -12.01 -11.11
C THR A 246 -0.69 -11.10 -10.58
N LEU A 247 0.56 -11.52 -10.75
CA LEU A 247 1.71 -10.74 -10.29
C LEU A 247 2.51 -10.19 -11.46
N SER A 248 2.24 -10.69 -12.66
CA SER A 248 2.92 -10.16 -13.83
C SER A 248 1.93 -9.52 -14.76
N GLU A 249 2.26 -8.31 -15.20
CA GLU A 249 1.39 -7.55 -16.08
C GLU A 249 1.02 -8.36 -17.31
N ASP A 250 1.93 -9.21 -17.77
CA ASP A 250 1.67 -10.00 -18.96
C ASP A 250 0.44 -10.88 -18.82
N TRP A 251 0.29 -11.55 -17.68
CA TRP A 251 -0.82 -12.46 -17.48
C TRP A 251 -2.15 -11.78 -17.14
N LEU A 252 -2.09 -10.47 -16.93
CA LEU A 252 -3.27 -9.68 -16.61
C LEU A 252 -4.28 -9.72 -17.77
N LEU A 253 -5.56 -9.90 -17.45
CA LEU A 253 -6.61 -9.96 -18.47
C LEU A 253 -6.82 -8.64 -19.18
N CYS A 254 -7.25 -8.71 -20.44
CA CYS A 254 -7.51 -7.52 -21.23
C CYS A 254 -8.94 -7.06 -21.01
N GLN A 255 -9.87 -7.76 -21.67
CA GLN A 255 -11.28 -7.39 -21.63
C GLN A 255 -11.90 -7.67 -20.27
N ALA A 256 -12.92 -6.88 -19.92
CA ALA A 256 -13.66 -7.06 -18.68
C ALA A 256 -14.45 -8.37 -18.72
N GLN A 257 -14.79 -8.87 -17.55
CA GLN A 257 -15.64 -10.05 -17.45
C GLN A 257 -16.75 -9.79 -16.45
N ASP A 258 -17.97 -10.23 -16.77
CA ASP A 258 -19.14 -9.99 -15.94
C ASP A 258 -19.56 -11.23 -15.14
N PHE A 259 -19.56 -11.10 -13.81
CA PHE A 259 -19.73 -12.26 -12.95
C PHE A 259 -20.11 -11.91 -11.51
N GLU A 260 -20.63 -12.92 -10.82
CA GLU A 260 -20.90 -12.87 -9.40
C GLU A 260 -20.42 -14.19 -8.80
N PRO A 261 -20.02 -14.19 -7.52
CA PRO A 261 -19.59 -15.42 -6.84
C PRO A 261 -20.75 -16.34 -6.47
N LEU A 262 -20.43 -17.60 -6.17
CA LEU A 262 -21.44 -18.60 -5.84
C LEU A 262 -21.01 -19.48 -4.68
N LYS A 263 -21.85 -19.59 -3.67
CA LYS A 263 -21.59 -20.45 -2.52
C LYS A 263 -22.32 -21.78 -2.68
N LEU A 264 -21.66 -22.72 -3.37
CA LEU A 264 -22.22 -24.04 -3.64
C LEU A 264 -22.24 -24.93 -2.42
N LYS A 265 -23.28 -25.73 -2.28
CA LYS A 265 -23.36 -26.73 -1.22
C LYS A 265 -22.96 -28.09 -1.75
N VAL A 266 -21.67 -28.30 -1.92
CA VAL A 266 -21.14 -29.57 -2.44
C VAL A 266 -21.27 -30.69 -1.40
N VAL A 267 -21.75 -31.85 -1.86
CA VAL A 267 -21.96 -32.99 -1.00
C VAL A 267 -21.23 -34.19 -1.60
N PHE A 268 -20.78 -35.11 -0.74
CA PHE A 268 -20.05 -36.30 -1.17
C PHE A 268 -20.81 -37.60 -0.88
N ALA A 269 -21.39 -38.20 -1.92
CA ALA A 269 -22.18 -39.42 -1.74
C ALA A 269 -21.31 -40.66 -1.52
N GLU A 275 -28.22 -43.59 0.77
CA GLU A 275 -27.05 -42.86 0.26
C GLU A 275 -26.35 -42.05 1.36
N ILE A 276 -25.14 -42.47 1.70
CA ILE A 276 -24.33 -41.78 2.70
C ILE A 276 -23.91 -40.39 2.21
N SER A 277 -23.82 -39.42 3.12
CA SER A 277 -23.54 -38.03 2.74
C SER A 277 -22.45 -37.32 3.56
N GLU A 278 -22.02 -36.16 3.06
CA GLU A 278 -20.99 -35.30 3.68
C GLU A 278 -21.01 -33.92 3.01
N SER A 279 -21.37 -32.88 3.76
CA SER A 279 -21.57 -31.55 3.19
C SER A 279 -20.34 -30.64 3.29
N LEU A 280 -20.30 -29.62 2.44
CA LEU A 280 -19.18 -28.69 2.37
C LEU A 280 -19.48 -27.51 1.47
N GLU A 281 -19.24 -26.30 1.98
CA GLU A 281 -19.45 -25.09 1.19
C GLU A 281 -18.24 -24.80 0.30
N VAL A 282 -18.50 -24.48 -0.96
CA VAL A 282 -17.45 -24.14 -1.92
C VAL A 282 -17.75 -22.79 -2.56
N ILE A 283 -16.72 -22.03 -2.93
CA ILE A 283 -16.96 -20.75 -3.55
C ILE A 283 -16.45 -20.70 -4.99
N ALA A 284 -17.37 -20.85 -5.94
CA ALA A 284 -17.02 -20.79 -7.37
C ALA A 284 -17.54 -19.52 -8.02
N LEU A 285 -17.49 -19.46 -9.36
CA LEU A 285 -17.93 -18.28 -10.08
C LEU A 285 -18.93 -18.58 -11.20
N THR A 286 -19.68 -17.56 -11.61
CA THR A 286 -20.63 -17.68 -12.69
C THR A 286 -19.97 -17.52 -14.05
N CYS A 287 -18.70 -17.89 -14.14
CA CYS A 287 -17.99 -17.85 -15.41
C CYS A 287 -16.89 -18.88 -15.46
N ASP A 288 -16.97 -19.89 -14.59
CA ASP A 288 -15.97 -20.95 -14.56
C ASP A 288 -16.32 -22.11 -15.48
N THR A 289 -15.32 -22.62 -16.20
CA THR A 289 -15.46 -23.88 -16.91
C THR A 289 -15.64 -24.96 -15.86
N ILE A 290 -16.39 -26.00 -16.18
CA ILE A 290 -16.66 -27.09 -15.24
C ILE A 290 -15.37 -27.61 -14.60
N GLN A 291 -14.34 -27.81 -15.42
CA GLN A 291 -13.04 -28.24 -14.96
C GLN A 291 -12.50 -27.32 -13.86
N GLN A 292 -12.72 -26.02 -14.04
CA GLN A 292 -12.25 -25.03 -13.07
C GLN A 292 -12.97 -25.20 -11.73
N VAL A 293 -14.25 -25.55 -11.82
CA VAL A 293 -15.05 -25.78 -10.63
C VAL A 293 -14.56 -27.03 -9.89
N LYS A 294 -14.18 -28.04 -10.65
CA LYS A 294 -13.57 -29.24 -10.08
C LYS A 294 -12.27 -28.90 -9.34
N GLU A 295 -11.42 -28.11 -10.01
CA GLU A 295 -10.18 -27.64 -9.42
C GLU A 295 -10.45 -26.97 -8.08
N LYS A 296 -11.41 -26.05 -8.08
CA LYS A 296 -11.71 -25.31 -6.87
C LYS A 296 -12.31 -26.16 -5.75
N ILE A 297 -13.10 -27.18 -6.08
CA ILE A 297 -13.62 -28.03 -5.01
C ILE A 297 -12.49 -28.86 -4.40
N LEU A 298 -11.69 -29.51 -5.24
CA LEU A 298 -10.53 -30.26 -4.74
C LEU A 298 -9.60 -29.39 -3.89
N GLN A 299 -9.28 -28.20 -4.38
CA GLN A 299 -8.34 -27.30 -3.71
C GLN A 299 -8.90 -26.75 -2.40
N THR A 300 -10.17 -26.33 -2.40
CA THR A 300 -10.81 -25.85 -1.18
C THR A 300 -10.83 -26.98 -0.15
N PHE A 301 -11.10 -28.19 -0.63
CA PHE A 301 -11.08 -29.36 0.23
C PHE A 301 -9.71 -29.58 0.87
N GLN A 302 -8.67 -29.71 0.05
CA GLN A 302 -7.33 -30.01 0.56
C GLN A 302 -6.78 -28.86 1.41
N ARG A 303 -7.24 -27.65 1.16
CA ARG A 303 -6.84 -26.51 1.97
C ARG A 303 -7.56 -26.57 3.32
N LYS A 304 -8.76 -27.15 3.31
CA LYS A 304 -9.56 -27.27 4.52
C LYS A 304 -9.10 -28.40 5.45
N PHE A 305 -9.13 -29.64 4.95
CA PHE A 305 -8.84 -30.82 5.79
C PHE A 305 -7.37 -31.20 5.91
N GLY A 306 -6.58 -30.89 4.89
CA GLY A 306 -5.16 -31.23 4.89
C GLY A 306 -4.79 -32.40 4.00
N PHE A 307 -5.81 -33.15 3.58
CA PHE A 307 -5.61 -34.26 2.65
C PHE A 307 -6.52 -34.08 1.44
N ARG A 308 -6.24 -34.79 0.36
CA ARG A 308 -7.07 -34.73 -0.84
C ARG A 308 -8.11 -35.85 -0.81
N TYR A 309 -9.31 -35.56 -1.29
CA TYR A 309 -10.36 -36.58 -1.37
C TYR A 309 -9.97 -37.62 -2.41
N THR A 310 -9.32 -37.15 -3.48
CA THR A 310 -8.79 -38.02 -4.51
C THR A 310 -7.47 -37.45 -5.06
N GLN A 311 -6.45 -38.29 -5.15
CA GLN A 311 -5.16 -37.86 -5.70
C GLN A 311 -5.29 -37.60 -7.20
N GLN A 312 -5.78 -38.60 -7.94
CA GLN A 312 -6.05 -38.46 -9.36
C GLN A 312 -7.27 -37.57 -9.59
N ILE A 313 -7.09 -36.49 -10.35
CA ILE A 313 -8.14 -35.49 -10.53
C ILE A 313 -9.22 -35.87 -11.54
N ARG A 314 -9.13 -37.08 -12.09
CA ARG A 314 -10.10 -37.52 -13.08
C ARG A 314 -10.84 -38.76 -12.61
N ASP A 315 -11.44 -38.68 -11.42
CA ASP A 315 -12.17 -39.81 -10.87
C ASP A 315 -13.42 -39.34 -10.13
N ILE A 316 -13.52 -38.03 -9.93
CA ILE A 316 -14.65 -37.43 -9.22
C ILE A 316 -15.75 -36.96 -10.19
N GLU A 317 -16.93 -37.54 -10.05
CA GLU A 317 -18.06 -37.20 -10.91
C GLU A 317 -18.79 -35.96 -10.39
N ILE A 318 -19.00 -34.98 -11.26
CA ILE A 318 -19.70 -33.75 -10.88
C ILE A 318 -21.15 -33.74 -11.35
N GLU A 319 -22.08 -33.67 -10.41
CA GLU A 319 -23.50 -33.70 -10.75
C GLU A 319 -24.24 -32.48 -10.19
N TYR A 320 -25.21 -31.99 -10.95
CA TYR A 320 -26.03 -30.86 -10.51
C TYR A 320 -27.46 -31.34 -10.23
N GLU A 321 -28.16 -30.65 -9.33
CA GLU A 321 -29.55 -30.96 -9.03
C GLU A 321 -30.48 -29.81 -9.41
N LYS A 322 -31.39 -30.08 -10.34
CA LYS A 322 -32.36 -29.08 -10.81
C LYS A 322 -33.76 -29.45 -10.37
N GLU A 323 -34.07 -30.75 -10.42
CA GLU A 323 -35.36 -31.24 -10.00
C GLU A 323 -35.20 -32.48 -9.11
N PHE A 326 -31.60 -34.10 -10.31
CA PHE A 326 -30.43 -34.94 -10.55
C PHE A 326 -30.01 -34.91 -12.01
N VAL A 327 -29.01 -34.10 -12.33
CA VAL A 327 -28.54 -33.96 -13.70
C VAL A 327 -27.03 -33.73 -13.78
N MET A 328 -26.35 -34.56 -14.58
CA MET A 328 -24.90 -34.43 -14.74
C MET A 328 -24.56 -33.32 -15.74
N LEU A 329 -23.39 -32.70 -15.53
CA LEU A 329 -22.94 -31.63 -16.41
C LEU A 329 -21.47 -31.81 -16.80
N GLN A 330 -21.14 -31.50 -18.06
CA GLN A 330 -19.78 -31.68 -18.57
C GLN A 330 -19.26 -30.45 -19.30
N GLU A 331 -18.03 -30.55 -19.81
CA GLU A 331 -17.35 -29.45 -20.49
C GLU A 331 -18.17 -28.83 -21.61
N VAL A 332 -18.65 -29.66 -22.53
CA VAL A 332 -19.48 -29.21 -23.65
C VAL A 332 -20.71 -30.11 -23.80
N ASP A 333 -21.86 -29.52 -24.11
CA ASP A 333 -23.06 -30.28 -24.42
C ASP A 333 -23.53 -30.00 -25.85
N ASP A 334 -24.71 -30.51 -26.19
CA ASP A 334 -25.27 -30.27 -27.51
C ASP A 334 -25.61 -28.81 -27.74
N THR A 335 -25.75 -28.03 -26.67
CA THR A 335 -26.13 -26.62 -26.82
C THR A 335 -25.02 -25.64 -26.44
N SER A 336 -23.93 -25.68 -27.19
CA SER A 336 -22.82 -24.74 -26.97
C SER A 336 -22.70 -23.70 -28.09
N GLU A 337 -22.66 -22.43 -27.70
CA GLU A 337 -22.62 -21.31 -28.63
C GLU A 337 -21.45 -21.44 -29.60
N ILE A 338 -21.60 -20.88 -30.79
CA ILE A 338 -20.61 -21.02 -31.85
C ILE A 338 -20.51 -19.72 -32.65
N ARG A 339 -19.34 -19.10 -32.66
CA ARG A 339 -19.15 -17.86 -33.39
C ARG A 339 -17.91 -17.89 -34.32
N GLY A 340 -18.10 -17.48 -35.57
CA GLY A 340 -17.03 -17.44 -36.53
C GLY A 340 -16.56 -18.82 -36.97
N HIS A 341 -15.66 -19.40 -36.17
CA HIS A 341 -15.16 -20.74 -36.41
C HIS A 341 -14.65 -21.34 -35.11
N VAL A 342 -15.12 -20.80 -33.99
CA VAL A 342 -14.63 -21.16 -32.67
C VAL A 342 -15.78 -21.33 -31.67
N THR A 343 -15.67 -22.33 -30.79
CA THR A 343 -16.75 -22.68 -29.85
C THR A 343 -16.56 -22.05 -28.46
N MET A 344 -17.66 -21.80 -27.76
CA MET A 344 -17.60 -21.25 -26.41
C MET A 344 -17.90 -22.29 -25.34
N LEU A 345 -17.02 -22.40 -24.35
CA LEU A 345 -17.14 -23.40 -23.29
C LEU A 345 -18.31 -23.14 -22.36
N ASN A 346 -18.75 -24.20 -21.69
CA ASN A 346 -19.89 -24.11 -20.78
C ASN A 346 -19.50 -23.55 -19.41
N THR A 347 -19.97 -22.34 -19.13
CA THR A 347 -19.74 -21.72 -17.84
C THR A 347 -20.75 -22.26 -16.85
N LEU A 348 -20.77 -21.72 -15.64
CA LEU A 348 -21.78 -22.11 -14.66
C LEU A 348 -23.09 -21.39 -14.91
N LYS A 349 -23.00 -20.24 -15.57
CA LYS A 349 -24.18 -19.47 -15.94
C LYS A 349 -24.95 -20.21 -17.02
N HIS A 350 -24.21 -20.96 -17.83
CA HIS A 350 -24.76 -21.69 -18.96
C HIS A 350 -25.80 -22.71 -18.51
N TYR A 351 -25.55 -23.33 -17.37
CA TYR A 351 -26.47 -24.31 -16.81
C TYR A 351 -27.40 -23.68 -15.78
N GLN A 352 -27.35 -22.35 -15.72
CA GLN A 352 -28.24 -21.57 -14.85
C GLN A 352 -28.11 -21.96 -13.37
N VAL A 353 -26.88 -22.00 -12.89
CA VAL A 353 -26.61 -22.40 -11.51
C VAL A 353 -26.70 -21.21 -10.57
N GLY A 354 -27.62 -21.27 -9.62
CA GLY A 354 -27.83 -20.19 -8.67
C GLY A 354 -26.95 -20.28 -7.44
N ASP A 355 -27.07 -19.28 -6.57
CA ASP A 355 -26.29 -19.23 -5.34
C ASP A 355 -26.85 -20.18 -4.29
N GLY A 356 -26.08 -21.21 -3.98
CA GLY A 356 -26.48 -22.21 -3.00
C GLY A 356 -26.94 -23.50 -3.66
N ALA A 357 -26.43 -23.76 -4.86
CA ALA A 357 -26.85 -24.94 -5.60
C ALA A 357 -26.12 -26.19 -5.17
N CYS A 358 -26.89 -27.20 -4.75
CA CYS A 358 -26.33 -28.48 -4.29
C CYS A 358 -25.64 -29.23 -5.44
N ILE A 359 -24.43 -29.70 -5.17
CA ILE A 359 -23.64 -30.40 -6.17
C ILE A 359 -23.13 -31.75 -5.65
N LYS A 360 -23.48 -32.81 -6.36
CA LYS A 360 -23.12 -34.17 -5.94
C LYS A 360 -21.76 -34.61 -6.47
N VAL A 361 -20.99 -35.27 -5.62
CA VAL A 361 -19.65 -35.75 -5.94
C VAL A 361 -19.43 -37.18 -5.47
N ILE A 362 -19.30 -38.11 -6.41
CA ILE A 362 -18.99 -39.50 -6.09
C ILE A 362 -17.85 -40.00 -6.97
N THR A 363 -17.60 -41.30 -6.94
CA THR A 363 -16.56 -41.90 -7.76
C THR A 363 -17.15 -42.85 -8.81
N PRO A 364 -16.69 -42.70 -10.05
CA PRO A 364 -17.14 -43.56 -11.13
C PRO A 364 -16.09 -44.62 -11.48
N SER A 375 -10.26 -35.54 -20.60
CA SER A 375 -10.97 -34.28 -20.73
C SER A 375 -10.89 -33.71 -22.15
N VAL A 376 -11.43 -32.52 -22.33
CA VAL A 376 -11.40 -31.84 -23.62
C VAL A 376 -10.07 -31.12 -23.80
N LYS A 377 -9.46 -30.76 -22.67
CA LYS A 377 -8.16 -30.10 -22.68
C LYS A 377 -7.07 -31.05 -23.17
N ASP A 378 -7.40 -32.34 -23.21
CA ASP A 378 -6.47 -33.37 -23.65
C ASP A 378 -6.30 -33.37 -25.18
N ASP A 379 -7.25 -32.79 -25.89
CA ASP A 379 -7.18 -32.69 -27.35
C ASP A 379 -5.96 -31.88 -27.77
N LYS A 380 -5.21 -32.42 -28.74
CA LYS A 380 -3.99 -31.78 -29.22
C LYS A 380 -4.26 -30.36 -29.70
N ASN A 381 -5.29 -30.23 -30.54
CA ASN A 381 -5.71 -28.92 -31.01
C ASN A 381 -6.81 -28.37 -30.11
N PHE A 382 -6.41 -27.88 -28.94
CA PHE A 382 -7.32 -27.35 -27.95
C PHE A 382 -7.40 -25.82 -28.08
N SER A 383 -6.24 -25.18 -28.01
CA SER A 383 -6.16 -23.72 -27.92
C SER A 383 -6.58 -22.97 -29.19
N ILE A 384 -6.74 -23.69 -30.29
CA ILE A 384 -7.09 -23.05 -31.56
C ILE A 384 -8.52 -23.38 -32.01
N LYS A 385 -9.28 -24.02 -31.11
CA LYS A 385 -10.62 -24.45 -31.44
C LYS A 385 -11.68 -23.90 -30.47
N TYR A 386 -11.26 -23.56 -29.26
CA TYR A 386 -12.18 -23.15 -28.19
C TYR A 386 -12.10 -21.66 -27.83
N PHE A 387 -13.05 -21.20 -27.02
CA PHE A 387 -13.16 -19.79 -26.63
C PHE A 387 -13.76 -19.67 -25.23
N HIS A 388 -13.16 -18.82 -24.40
CA HIS A 388 -13.66 -18.61 -23.05
C HIS A 388 -13.94 -17.14 -22.77
N LEU A 389 -12.91 -16.31 -22.75
CA LEU A 389 -13.06 -14.93 -22.32
C LEU A 389 -12.49 -13.87 -23.29
N VAL A 390 -12.02 -14.30 -24.46
CA VAL A 390 -11.45 -13.38 -25.45
C VAL A 390 -11.83 -13.77 -26.87
N ASP A 391 -12.38 -12.84 -27.65
CA ASP A 391 -12.70 -13.12 -29.05
C ASP A 391 -12.77 -11.86 -29.93
N LYS A 408 -10.67 -3.92 -23.38
CA LYS A 408 -9.53 -3.42 -24.15
C LYS A 408 -8.57 -2.62 -23.26
N ILE A 409 -9.10 -2.00 -22.22
CA ILE A 409 -8.26 -1.28 -21.27
C ILE A 409 -7.71 -2.28 -20.25
N LYS A 410 -6.41 -2.50 -20.29
CA LYS A 410 -5.74 -3.49 -19.48
C LYS A 410 -5.19 -2.84 -18.21
N GLU A 411 -4.70 -1.62 -18.36
CA GLU A 411 -4.10 -0.86 -17.25
C GLU A 411 -5.06 -0.69 -16.09
N MET A 412 -6.35 -0.68 -16.43
CA MET A 412 -7.46 -0.71 -15.48
C MET A 412 -7.26 -1.73 -14.35
N TYR A 413 -6.58 -2.83 -14.67
CA TYR A 413 -6.42 -3.92 -13.72
C TYR A 413 -5.05 -3.97 -13.08
N LEU A 414 -4.27 -2.90 -13.24
CA LEU A 414 -2.97 -2.84 -12.56
C LEU A 414 -3.13 -2.97 -11.05
N ILE A 415 -4.18 -2.34 -10.51
CA ILE A 415 -4.52 -2.48 -9.09
C ILE A 415 -4.49 -3.93 -8.66
N LYS A 416 -4.99 -4.82 -9.53
CA LYS A 416 -5.07 -6.23 -9.19
C LYS A 416 -3.70 -6.81 -8.84
N LEU A 417 -2.68 -6.43 -9.60
CA LEU A 417 -1.32 -6.83 -9.29
C LEU A 417 -1.05 -6.51 -7.84
N LEU A 418 -1.20 -5.24 -7.49
CA LEU A 418 -1.04 -4.81 -6.10
C LEU A 418 -1.91 -5.66 -5.19
N SER A 419 -3.18 -5.76 -5.56
CA SER A 419 -4.16 -6.43 -4.73
C SER A 419 -3.70 -7.86 -4.50
N THR A 420 -3.03 -8.42 -5.51
CA THR A 420 -2.50 -9.76 -5.41
C THR A 420 -1.22 -9.69 -4.58
N LYS A 421 -0.29 -8.83 -5.01
CA LYS A 421 1.01 -8.67 -4.38
C LYS A 421 0.92 -8.48 -2.86
N VAL A 422 -0.01 -7.63 -2.44
CA VAL A 422 -0.29 -7.44 -1.02
C VAL A 422 -0.79 -8.73 -0.40
N ALA A 423 -1.85 -9.28 -0.96
CA ALA A 423 -2.49 -10.50 -0.45
C ALA A 423 -1.53 -11.65 -0.16
N VAL A 424 -0.44 -11.74 -0.93
CA VAL A 424 0.45 -12.88 -0.79
C VAL A 424 1.71 -12.53 -0.03
N HIS A 425 1.88 -11.24 0.23
CA HIS A 425 3.17 -10.72 0.73
C HIS A 425 3.63 -11.44 1.97
N SER A 426 2.73 -11.58 2.92
CA SER A 426 2.94 -12.38 4.12
C SER A 426 3.81 -13.58 3.82
N PHE A 427 3.31 -14.44 2.95
CA PHE A 427 3.99 -15.70 2.65
C PHE A 427 5.37 -15.48 2.05
N VAL A 428 5.48 -14.53 1.11
CA VAL A 428 6.76 -14.28 0.48
C VAL A 428 7.85 -13.92 1.48
N GLU A 429 7.61 -12.89 2.28
CA GLU A 429 8.51 -12.51 3.35
C GLU A 429 8.86 -13.67 4.27
N ASN A 430 7.91 -14.60 4.51
CA ASN A 430 8.27 -15.83 5.21
C ASN A 430 9.38 -16.57 4.46
N LEU A 431 9.04 -16.99 3.23
CA LEU A 431 9.92 -17.84 2.44
C LEU A 431 11.34 -17.28 2.37
N PHE A 432 11.43 -16.04 1.91
CA PHE A 432 12.68 -15.30 1.88
C PHE A 432 13.37 -15.28 3.24
N LYS A 433 12.67 -14.84 4.29
CA LYS A 433 13.31 -14.74 5.58
C LYS A 433 13.53 -16.11 6.20
N SER A 434 13.03 -17.16 5.53
CA SER A 434 13.40 -18.51 5.92
C SER A 434 14.75 -18.84 5.28
N ILE A 435 14.84 -18.53 4.00
CA ILE A 435 16.02 -18.83 3.20
C ILE A 435 17.28 -18.19 3.78
N TRP A 436 17.24 -16.90 4.03
CA TRP A 436 18.38 -16.24 4.66
C TRP A 436 18.20 -16.06 6.17
N GLY A 437 17.61 -17.06 6.81
CA GLY A 437 17.41 -17.01 8.26
C GLY A 437 18.34 -17.95 9.00
N LEU A 438 18.52 -17.73 10.29
CA LEU A 438 19.43 -18.55 11.09
C LEU A 438 18.73 -19.26 12.26
N PRO A 439 18.34 -20.53 12.04
CA PRO A 439 17.66 -21.33 13.06
C PRO A 439 18.53 -21.52 14.28
N ASN A 440 18.10 -20.92 15.40
CA ASN A 440 18.88 -20.95 16.64
C ASN A 440 20.28 -20.36 16.44
N ASN A 441 20.31 -19.22 15.73
CA ASN A 441 21.53 -18.46 15.47
C ASN A 441 22.58 -19.22 14.67
N LYS A 442 22.24 -20.42 14.21
CA LYS A 442 23.17 -21.26 13.45
C LYS A 442 22.71 -21.42 11.99
N ALA A 443 23.55 -20.96 11.07
CA ALA A 443 23.34 -21.23 9.65
C ALA A 443 23.50 -22.73 9.42
N PRO A 444 22.92 -23.27 8.33
CA PRO A 444 23.07 -24.71 8.11
C PRO A 444 24.53 -25.02 7.90
N LEU A 445 25.00 -26.12 8.49
CA LEU A 445 26.42 -26.45 8.47
C LEU A 445 27.04 -26.16 7.11
N ALA A 446 26.45 -26.74 6.08
CA ALA A 446 26.92 -26.58 4.71
C ALA A 446 27.22 -25.12 4.33
N VAL A 447 26.32 -24.23 4.73
CA VAL A 447 26.44 -22.82 4.36
C VAL A 447 27.61 -22.16 5.08
N LYS A 448 27.64 -22.32 6.39
CA LYS A 448 28.70 -21.77 7.23
C LYS A 448 30.05 -22.23 6.73
N TYR A 449 30.15 -23.52 6.45
CA TYR A 449 31.38 -24.11 5.93
C TYR A 449 31.81 -23.47 4.62
N PHE A 450 30.92 -23.49 3.64
CA PHE A 450 31.32 -22.97 2.34
C PHE A 450 31.61 -21.47 2.34
N PHE A 451 30.86 -20.72 3.13
CA PHE A 451 31.10 -19.27 3.21
C PHE A 451 32.44 -18.98 3.89
N ASP A 452 32.74 -19.72 4.95
CA ASP A 452 34.07 -19.62 5.58
C ASP A 452 35.16 -19.98 4.57
N PHE A 453 34.87 -20.94 3.69
CA PHE A 453 35.80 -21.33 2.63
C PHE A 453 36.05 -20.16 1.70
N LEU A 454 34.99 -19.46 1.31
CA LEU A 454 35.16 -18.33 0.41
C LEU A 454 35.94 -17.21 1.06
N ASP A 455 35.68 -16.96 2.34
CA ASP A 455 36.45 -15.97 3.09
C ASP A 455 37.94 -16.32 3.04
N GLU A 456 38.24 -17.57 3.39
CA GLU A 456 39.60 -18.11 3.38
C GLU A 456 40.31 -17.87 2.04
N GLN A 457 39.63 -18.23 0.95
CA GLN A 457 40.21 -18.08 -0.39
C GLN A 457 40.41 -16.63 -0.78
N ALA A 458 39.43 -15.79 -0.44
CA ALA A 458 39.53 -14.36 -0.74
C ALA A 458 40.72 -13.76 0.01
N GLU A 459 40.92 -14.26 1.22
CA GLU A 459 42.00 -13.79 2.07
C GLU A 459 43.35 -14.20 1.50
N ARG A 460 43.40 -15.39 0.91
CA ARG A 460 44.64 -15.85 0.28
C ARG A 460 45.02 -15.06 -0.98
N LYS A 461 44.04 -14.41 -1.60
CA LYS A 461 44.28 -13.61 -2.80
C LYS A 461 44.59 -12.16 -2.46
N LYS A 462 44.71 -11.86 -1.16
CA LYS A 462 44.99 -10.51 -0.67
C LYS A 462 43.99 -9.48 -1.19
N ILE A 463 42.71 -9.81 -1.08
CA ILE A 463 41.63 -8.94 -1.55
C ILE A 463 41.02 -8.13 -0.40
N THR A 464 41.18 -6.81 -0.45
CA THR A 464 40.67 -5.93 0.60
C THR A 464 39.35 -5.28 0.20
N ASP A 465 38.58 -5.98 -0.62
CA ASP A 465 37.32 -5.47 -1.17
C ASP A 465 36.15 -6.36 -0.78
N PRO A 466 35.26 -5.86 0.07
CA PRO A 466 34.11 -6.63 0.58
C PRO A 466 33.13 -6.99 -0.53
N ASP A 467 33.05 -6.12 -1.53
CA ASP A 467 32.13 -6.30 -2.65
C ASP A 467 32.39 -7.62 -3.38
N VAL A 468 33.66 -8.01 -3.43
CA VAL A 468 34.05 -9.23 -4.12
C VAL A 468 33.60 -10.50 -3.39
N LEU A 469 33.84 -10.54 -2.09
CA LEU A 469 33.34 -11.62 -1.26
C LEU A 469 31.83 -11.71 -1.38
N HIS A 470 31.16 -10.55 -1.37
CA HIS A 470 29.72 -10.54 -1.51
C HIS A 470 29.32 -11.17 -2.84
N ILE A 471 29.93 -10.70 -3.92
CA ILE A 471 29.70 -11.24 -5.26
C ILE A 471 29.83 -12.77 -5.34
N TRP A 472 30.95 -13.31 -4.86
CA TRP A 472 31.15 -14.77 -4.84
C TRP A 472 30.04 -15.44 -4.07
N LYS A 473 29.85 -15.01 -2.83
CA LYS A 473 28.85 -15.61 -1.96
C LYS A 473 27.46 -15.65 -2.59
N THR A 474 27.01 -14.55 -3.21
CA THR A 474 25.72 -14.61 -3.89
C THR A 474 25.80 -15.49 -5.14
N ASN A 475 26.97 -15.59 -5.75
CA ASN A 475 27.06 -16.28 -7.02
C ASN A 475 27.08 -17.76 -6.87
N SER A 476 27.31 -18.21 -5.63
CA SER A 476 27.45 -19.63 -5.41
C SER A 476 26.28 -20.26 -4.66
N LEU A 477 25.54 -19.48 -3.88
CA LEU A 477 24.45 -20.09 -3.12
C LEU A 477 23.00 -19.73 -3.54
N PRO A 478 22.59 -18.45 -3.41
CA PRO A 478 21.19 -18.11 -3.68
C PRO A 478 20.81 -18.21 -5.17
N LEU A 479 21.73 -17.82 -6.04
CA LEU A 479 21.54 -17.84 -7.49
C LEU A 479 21.73 -19.22 -8.13
N ARG A 480 22.56 -20.04 -7.51
CA ARG A 480 22.80 -21.37 -8.03
C ARG A 480 21.70 -22.31 -7.62
N PHE A 481 21.25 -22.17 -6.39
CA PHE A 481 20.37 -23.17 -5.85
C PHE A 481 18.98 -22.66 -5.57
N TRP A 482 18.89 -21.59 -4.78
CA TRP A 482 17.61 -21.14 -4.28
C TRP A 482 16.63 -20.68 -5.38
N VAL A 483 17.11 -19.88 -6.31
CA VAL A 483 16.26 -19.44 -7.41
C VAL A 483 15.64 -20.61 -8.17
N ASN A 484 16.42 -21.64 -8.47
CA ASN A 484 15.88 -22.81 -9.15
C ASN A 484 14.72 -23.43 -8.40
N ILE A 485 14.71 -23.22 -7.09
CA ILE A 485 13.70 -23.83 -6.25
C ILE A 485 12.45 -22.96 -6.17
N LEU A 486 12.63 -21.65 -6.04
CA LEU A 486 11.49 -20.73 -6.15
C LEU A 486 10.73 -20.94 -7.45
N LYS A 487 11.48 -21.07 -8.56
CA LYS A 487 10.88 -21.14 -9.87
C LYS A 487 10.39 -22.54 -10.17
N ASN A 488 10.79 -23.51 -9.37
CA ASN A 488 10.37 -24.89 -9.62
C ASN A 488 10.03 -25.65 -8.36
N PRO A 489 8.90 -25.31 -7.72
CA PRO A 489 8.54 -25.96 -6.46
C PRO A 489 8.04 -27.39 -6.69
N ASP A 490 7.76 -27.74 -7.94
CA ASP A 490 7.28 -29.08 -8.26
C ASP A 490 8.37 -30.13 -8.10
N PHE A 491 9.62 -29.67 -8.09
CA PHE A 491 10.77 -30.55 -7.87
C PHE A 491 10.79 -31.01 -6.43
N VAL A 492 10.17 -30.23 -5.57
CA VAL A 492 10.26 -30.47 -4.15
C VAL A 492 8.99 -31.14 -3.61
N PHE A 493 7.88 -30.98 -4.31
CA PHE A 493 6.61 -31.44 -3.74
C PHE A 493 5.87 -32.54 -4.49
N SER A 494 5.30 -33.45 -3.72
CA SER A 494 4.48 -34.54 -4.22
C SER A 494 3.18 -34.03 -4.81
N ASP A 495 2.89 -34.43 -6.05
CA ASP A 495 1.67 -34.03 -6.74
C ASP A 495 1.56 -32.52 -6.91
N MET A 496 2.56 -31.92 -7.54
CA MET A 496 2.59 -30.48 -7.71
C MET A 496 2.36 -30.05 -9.16
N GLU A 497 1.09 -29.91 -9.53
CA GLU A 497 0.71 -29.40 -10.84
C GLU A 497 1.05 -27.92 -10.93
N LYS A 498 2.05 -27.57 -11.73
CA LYS A 498 2.50 -26.20 -11.86
C LYS A 498 2.11 -25.57 -13.21
N SER A 499 1.06 -24.76 -13.20
CA SER A 499 0.58 -24.08 -14.39
C SER A 499 1.59 -23.03 -14.85
N PRO A 500 1.61 -22.72 -16.16
CA PRO A 500 2.56 -21.77 -16.74
C PRO A 500 2.39 -20.37 -16.15
N HIS A 501 1.17 -20.02 -15.79
CA HIS A 501 0.89 -18.75 -15.15
C HIS A 501 1.56 -18.72 -13.78
N LEU A 502 1.41 -19.81 -13.04
CA LEU A 502 1.98 -19.94 -11.71
C LEU A 502 3.49 -19.74 -11.84
N ASP A 503 4.05 -20.25 -12.93
CA ASP A 503 5.46 -20.08 -13.25
C ASP A 503 5.81 -18.62 -13.51
N GLY A 504 4.93 -17.90 -14.20
CA GLY A 504 5.14 -16.49 -14.45
C GLY A 504 5.23 -15.70 -13.17
N CYS A 505 4.26 -15.91 -12.29
CA CYS A 505 4.25 -15.25 -10.98
C CYS A 505 5.50 -15.58 -10.16
N LEU A 506 5.78 -16.88 -10.02
CA LEU A 506 6.98 -17.30 -9.32
C LEU A 506 8.22 -16.65 -9.94
N SER A 507 8.17 -16.38 -11.24
CA SER A 507 9.27 -15.70 -11.90
C SER A 507 9.36 -14.25 -11.44
N VAL A 508 8.21 -13.62 -11.18
CA VAL A 508 8.24 -12.28 -10.61
C VAL A 508 8.92 -12.28 -9.24
N ILE A 509 8.39 -13.14 -8.36
CA ILE A 509 8.89 -13.24 -6.99
C ILE A 509 10.37 -13.56 -6.95
N ALA A 510 10.79 -14.48 -7.83
CA ALA A 510 12.18 -14.91 -7.93
C ALA A 510 13.08 -13.80 -8.45
N GLN A 511 12.54 -12.96 -9.32
CA GLN A 511 13.28 -11.82 -9.82
C GLN A 511 13.54 -10.85 -8.68
N ALA A 512 12.54 -10.68 -7.82
CA ALA A 512 12.69 -9.85 -6.61
C ALA A 512 13.74 -10.41 -5.65
N PHE A 513 13.58 -11.69 -5.35
CA PHE A 513 14.56 -12.43 -4.56
C PHE A 513 15.97 -12.15 -5.05
N MET A 514 16.19 -12.41 -6.33
CA MET A 514 17.46 -12.14 -6.99
C MET A 514 17.93 -10.71 -6.79
N ASP A 515 17.01 -9.76 -6.95
CA ASP A 515 17.35 -8.35 -6.80
C ASP A 515 17.79 -8.00 -5.36
N SER A 516 17.37 -8.81 -4.39
CA SER A 516 17.80 -8.58 -3.01
C SER A 516 19.31 -8.71 -2.83
N PHE A 517 19.93 -9.58 -3.63
CA PHE A 517 21.35 -9.85 -3.45
C PHE A 517 22.22 -8.92 -4.28
N SER A 518 21.59 -7.99 -4.99
CA SER A 518 22.30 -7.08 -5.87
C SER A 518 23.02 -6.00 -5.09
N LEU A 519 24.14 -5.54 -5.63
CA LEU A 519 25.03 -4.62 -4.93
C LEU A 519 24.90 -3.21 -5.46
N THR A 520 23.89 -2.99 -6.30
CA THR A 520 23.69 -1.70 -6.95
C THR A 520 22.44 -1.03 -6.42
N ASP A 521 22.54 0.25 -6.07
CA ASP A 521 21.37 1.02 -5.62
C ASP A 521 20.47 1.32 -6.81
N THR A 522 19.30 0.70 -6.85
CA THR A 522 18.36 0.93 -7.96
C THR A 522 17.39 2.07 -7.64
N HIS A 523 17.46 3.13 -8.44
CA HIS A 523 16.49 4.21 -8.34
C HIS A 523 15.33 3.93 -9.28
N LEU A 524 14.12 3.93 -8.73
CA LEU A 524 12.94 3.62 -9.52
C LEU A 524 12.38 4.86 -10.19
N ASP A 525 12.17 4.77 -11.49
CA ASP A 525 11.60 5.87 -12.25
C ASP A 525 10.46 5.34 -13.12
N LYS A 526 9.79 6.24 -13.83
CA LYS A 526 8.63 5.86 -14.64
C LYS A 526 8.96 4.81 -15.71
N HIS A 527 10.24 4.72 -16.05
CA HIS A 527 10.68 3.78 -17.08
C HIS A 527 11.25 2.49 -16.46
N SER A 528 10.35 1.57 -16.11
CA SER A 528 10.73 0.31 -15.47
C SER A 528 9.76 -0.79 -15.85
N PRO A 529 10.14 -2.06 -15.68
CA PRO A 529 9.15 -3.13 -15.87
C PRO A 529 8.08 -3.03 -14.80
N THR A 530 6.98 -3.72 -14.97
CA THR A 530 5.94 -3.70 -13.95
C THR A 530 6.34 -4.60 -12.77
N ASN A 531 7.01 -5.70 -13.10
CA ASN A 531 7.51 -6.65 -12.10
C ASN A 531 8.51 -6.01 -11.14
N LYS A 532 9.30 -5.06 -11.63
CA LYS A 532 10.25 -4.34 -10.80
C LYS A 532 9.56 -3.28 -9.96
N LEU A 533 8.51 -2.69 -10.53
CA LEU A 533 7.73 -1.68 -9.84
C LEU A 533 6.94 -2.22 -8.65
N LEU A 534 6.39 -3.42 -8.78
CA LEU A 534 5.66 -4.05 -7.67
C LEU A 534 6.43 -4.13 -6.35
N TYR A 535 7.57 -4.85 -6.38
CA TYR A 535 8.37 -5.13 -5.19
C TYR A 535 9.51 -4.13 -4.98
N GLY A 536 9.58 -3.14 -5.85
CA GLY A 536 10.62 -2.12 -5.80
C GLY A 536 10.83 -1.45 -4.46
N LYS A 537 9.75 -1.10 -3.78
CA LYS A 537 9.87 -0.40 -2.50
C LYS A 537 10.20 -1.38 -1.38
N ASP A 538 10.15 -2.67 -1.70
CA ASP A 538 10.47 -3.71 -0.73
C ASP A 538 11.92 -4.21 -0.80
N ILE A 539 12.51 -4.16 -1.99
CA ILE A 539 13.92 -4.57 -2.18
C ILE A 539 14.97 -3.97 -1.24
N PRO A 540 14.98 -2.63 -1.05
CA PRO A 540 16.06 -2.03 -0.24
C PRO A 540 16.19 -2.60 1.16
N GLN A 541 15.07 -2.89 1.81
CA GLN A 541 15.12 -3.53 3.12
C GLN A 541 15.85 -4.86 3.02
N TYR A 542 15.47 -5.65 2.03
CA TYR A 542 16.07 -6.96 1.82
C TYR A 542 17.58 -6.90 1.64
N LYS A 543 18.04 -6.03 0.76
CA LYS A 543 19.48 -5.89 0.50
C LYS A 543 20.25 -5.72 1.79
N GLN A 544 19.64 -5.01 2.73
CA GLN A 544 20.21 -4.84 4.06
C GLN A 544 20.20 -6.14 4.86
N GLU A 545 19.09 -6.85 4.81
CA GLU A 545 18.99 -8.14 5.50
C GLU A 545 20.03 -9.11 4.97
N VAL A 546 20.24 -9.08 3.66
CA VAL A 546 21.23 -9.94 3.01
C VAL A 546 22.66 -9.64 3.47
N LYS A 547 23.04 -8.35 3.48
CA LYS A 547 24.38 -7.96 3.90
C LYS A 547 24.63 -8.41 5.33
N SER A 548 23.60 -8.27 6.16
CA SER A 548 23.65 -8.71 7.54
C SER A 548 23.86 -10.21 7.60
N TYR A 549 23.01 -10.94 6.89
CA TYR A 549 23.06 -12.39 6.83
C TYR A 549 24.46 -12.91 6.51
N TYR A 550 25.12 -12.25 5.56
CA TYR A 550 26.49 -12.62 5.19
C TYR A 550 27.48 -12.31 6.32
N LYS A 551 27.25 -11.20 7.01
CA LYS A 551 28.08 -10.81 8.13
C LYS A 551 27.87 -11.75 9.32
N LEU A 552 26.62 -12.15 9.53
CA LEU A 552 26.24 -13.01 10.64
C LEU A 552 26.69 -14.45 10.46
N VAL A 553 26.62 -14.93 9.22
CA VAL A 553 27.16 -16.24 8.91
C VAL A 553 28.65 -16.27 9.24
N LYS A 554 29.33 -15.20 8.84
CA LYS A 554 30.77 -15.06 9.05
C LYS A 554 31.13 -14.99 10.53
N ASP A 555 30.33 -14.28 11.31
CA ASP A 555 30.63 -14.07 12.73
C ASP A 555 30.26 -15.27 13.60
N GLN A 556 29.52 -16.22 13.04
CA GLN A 556 29.22 -17.46 13.73
C GLN A 556 30.51 -18.25 13.93
N THR A 557 30.57 -19.02 15.01
CA THR A 557 31.74 -19.86 15.29
C THR A 557 31.97 -20.86 14.16
N SER A 558 33.25 -21.17 13.91
CA SER A 558 33.64 -22.04 12.80
C SER A 558 33.09 -23.45 12.91
N ILE A 559 33.38 -24.28 11.91
CA ILE A 559 32.89 -25.64 11.89
C ILE A 559 34.01 -26.64 12.16
N SER A 560 33.89 -27.33 13.29
CA SER A 560 34.87 -28.34 13.67
C SER A 560 34.90 -29.44 12.62
N SER A 561 36.10 -29.88 12.28
CA SER A 561 36.30 -30.91 11.27
C SER A 561 35.55 -32.19 11.64
N GLN A 562 35.47 -32.44 12.95
CA GLN A 562 34.74 -33.61 13.44
C GLN A 562 33.27 -33.50 13.08
N GLU A 563 32.71 -32.31 13.28
CA GLU A 563 31.31 -32.08 12.97
C GLU A 563 31.06 -32.09 11.48
N LEU A 564 32.00 -31.53 10.72
CA LEU A 564 31.89 -31.52 9.26
C LEU A 564 31.85 -32.95 8.72
N LYS A 565 32.87 -33.73 9.06
CA LYS A 565 32.95 -35.12 8.61
C LYS A 565 31.73 -35.93 9.08
N THR A 566 31.35 -35.75 10.33
CA THR A 566 30.16 -36.41 10.89
C THR A 566 28.98 -36.15 9.99
N PHE A 567 28.76 -34.87 9.72
CA PHE A 567 27.64 -34.44 8.90
C PHE A 567 27.67 -35.07 7.52
N LEU A 568 28.78 -34.88 6.80
CA LEU A 568 28.87 -35.35 5.41
C LEU A 568 28.72 -36.86 5.28
N GLN A 569 29.31 -37.60 6.22
CA GLN A 569 29.22 -39.05 6.20
C GLN A 569 27.82 -39.51 6.57
N GLU A 570 27.18 -38.76 7.45
CA GLU A 570 25.79 -39.05 7.81
C GLU A 570 24.91 -38.93 6.57
N GLU A 571 25.05 -37.81 5.87
CA GLU A 571 24.28 -37.56 4.66
C GLU A 571 24.66 -38.52 3.53
N SER A 572 25.86 -39.08 3.61
CA SER A 572 26.28 -40.11 2.67
C SER A 572 25.56 -41.42 2.97
N LYS A 573 25.48 -41.77 4.25
CA LYS A 573 24.88 -43.03 4.69
C LYS A 573 23.36 -43.01 4.54
N LYS A 574 22.77 -41.83 4.58
CA LYS A 574 21.35 -41.71 4.34
C LYS A 574 20.97 -42.22 2.96
N HIS A 575 21.62 -41.68 1.93
CA HIS A 575 21.26 -41.97 0.54
C HIS A 575 22.25 -42.84 -0.19
N GLN A 576 22.86 -43.80 0.50
CA GLN A 576 23.88 -44.62 -0.14
C GLN A 576 23.28 -45.51 -1.22
N ASN A 577 22.12 -46.10 -0.92
CA ASN A 577 21.55 -47.14 -1.75
C ASN A 577 20.44 -46.68 -2.69
N GLU A 578 20.32 -45.36 -2.86
CA GLU A 578 19.22 -44.83 -3.66
C GLU A 578 19.52 -44.79 -5.16
N PHE A 579 20.80 -44.90 -5.51
CA PHE A 579 21.20 -44.81 -6.92
C PHE A 579 22.27 -45.85 -7.22
N ASN A 580 22.12 -46.56 -8.34
CA ASN A 580 23.14 -47.54 -8.74
C ASN A 580 24.35 -46.87 -9.38
N GLU A 581 25.50 -47.06 -8.74
CA GLU A 581 26.75 -46.50 -9.23
C GLU A 581 27.08 -47.12 -10.59
N SER A 582 26.54 -48.30 -10.82
CA SER A 582 26.80 -49.07 -12.03
C SER A 582 26.57 -48.30 -13.33
N ALA A 583 25.32 -47.95 -13.61
CA ALA A 583 24.95 -47.25 -14.83
C ALA A 583 25.70 -45.91 -14.99
N ALA A 584 26.01 -45.27 -13.85
CA ALA A 584 26.71 -44.00 -13.83
C ALA A 584 28.17 -44.11 -14.28
N LEU A 585 28.88 -45.08 -13.67
CA LEU A 585 30.25 -45.37 -14.05
C LEU A 585 30.29 -45.83 -15.51
N ARG A 586 29.32 -46.66 -15.90
CA ARG A 586 29.19 -47.10 -17.28
C ARG A 586 29.10 -45.93 -18.25
N GLU A 587 28.21 -44.98 -17.98
CA GLU A 587 28.05 -43.82 -18.85
C GLU A 587 29.25 -42.87 -18.78
N LEU A 588 30.01 -42.95 -17.68
CA LEU A 588 31.15 -42.07 -17.49
C LEU A 588 32.35 -42.58 -18.28
N TYR A 589 32.53 -43.89 -18.28
CA TYR A 589 33.65 -44.48 -19.00
C TYR A 589 33.59 -44.09 -20.48
N LYS A 590 32.39 -43.85 -21.00
CA LYS A 590 32.25 -43.30 -22.33
C LYS A 590 33.18 -42.10 -22.47
N TYR A 591 32.98 -41.15 -21.57
CA TYR A 591 33.80 -39.96 -21.52
C TYR A 591 35.27 -40.25 -21.29
N MET A 592 35.57 -41.24 -20.44
CA MET A 592 36.97 -41.56 -20.18
C MET A 592 37.73 -42.04 -21.41
N GLN A 593 37.13 -42.99 -22.14
CA GLN A 593 37.77 -43.53 -23.33
C GLN A 593 37.78 -42.55 -24.50
N ARG A 594 36.77 -41.67 -24.58
CA ARG A 594 36.77 -40.63 -25.61
C ARG A 594 38.05 -39.79 -25.61
N TYR A 595 38.45 -39.35 -24.42
CA TYR A 595 39.63 -38.49 -24.27
C TYR A 595 40.72 -39.18 -23.46
N PHE A 596 40.99 -40.43 -23.80
CA PHE A 596 41.92 -41.26 -23.01
C PHE A 596 43.37 -40.77 -23.06
N THR A 597 43.88 -40.59 -24.28
CA THR A 597 45.26 -40.17 -24.49
C THR A 597 45.58 -38.84 -23.80
N GLU A 598 44.64 -37.89 -23.86
CA GLU A 598 44.82 -36.57 -23.28
C GLU A 598 44.89 -36.62 -21.76
N ILE A 599 44.00 -37.41 -21.17
CA ILE A 599 44.05 -37.68 -19.75
C ILE A 599 45.41 -38.26 -19.38
N PHE A 600 45.87 -39.22 -20.17
CA PHE A 600 47.16 -39.84 -19.91
C PHE A 600 48.29 -38.82 -19.99
N GLN A 601 48.16 -37.86 -20.88
CA GLN A 601 49.18 -36.85 -21.10
C GLN A 601 49.24 -35.87 -19.92
N LYS A 602 48.07 -35.37 -19.52
CA LYS A 602 47.95 -34.52 -18.34
C LYS A 602 48.48 -35.27 -17.12
N LEU A 603 48.33 -36.59 -17.14
CA LEU A 603 48.78 -37.42 -16.05
C LEU A 603 50.30 -37.47 -16.02
N GLU A 604 50.91 -37.76 -17.17
CA GLU A 604 52.37 -37.81 -17.30
C GLU A 604 52.99 -36.48 -16.91
N GLN A 605 52.30 -35.39 -17.23
CA GLN A 605 52.82 -34.04 -16.96
C GLN A 605 52.67 -33.64 -15.49
N THR A 606 52.41 -34.59 -14.62
CA THR A 606 52.19 -34.29 -13.20
C THR A 606 52.84 -35.30 -12.28
N ASP A 607 53.83 -36.02 -12.80
CA ASP A 607 54.57 -37.04 -12.04
C ASP A 607 53.63 -38.04 -11.38
N ALA A 608 52.88 -38.76 -12.20
CA ALA A 608 52.03 -39.85 -11.73
C ALA A 608 52.89 -41.09 -11.49
N PRO A 609 52.47 -41.97 -10.57
CA PRO A 609 53.22 -43.21 -10.31
C PRO A 609 52.83 -44.33 -11.27
N SER A 610 53.68 -45.35 -11.35
CA SER A 610 53.48 -46.45 -12.28
C SER A 610 52.16 -47.19 -12.04
N ASN A 611 51.93 -47.58 -10.79
CA ASN A 611 50.72 -48.31 -10.42
C ASN A 611 49.44 -47.58 -10.87
N LEU A 612 49.48 -46.26 -10.89
CA LEU A 612 48.31 -45.49 -11.30
C LEU A 612 48.01 -45.61 -12.79
N LYS A 613 49.00 -45.34 -13.64
CA LYS A 613 48.84 -45.48 -15.08
C LYS A 613 48.47 -46.91 -15.44
N GLU A 614 49.11 -47.86 -14.76
CA GLU A 614 48.80 -49.27 -14.93
C GLU A 614 47.33 -49.51 -14.66
N ASN A 615 46.81 -48.90 -13.60
CA ASN A 615 45.38 -48.97 -13.33
C ASN A 615 44.53 -48.38 -14.46
N MET A 616 44.92 -47.20 -14.94
CA MET A 616 44.18 -46.53 -16.01
C MET A 616 44.06 -47.38 -17.26
N HIS A 617 45.14 -48.06 -17.63
CA HIS A 617 45.08 -48.98 -18.76
C HIS A 617 44.29 -50.24 -18.42
N ARG A 618 44.38 -50.66 -17.17
CA ARG A 618 43.66 -51.85 -16.68
C ARG A 618 42.15 -51.70 -16.87
N VAL A 619 41.64 -50.52 -16.55
CA VAL A 619 40.20 -50.27 -16.65
C VAL A 619 39.71 -50.34 -18.10
N LYS A 620 40.43 -49.67 -19.00
CA LYS A 620 40.09 -49.70 -20.41
C LYS A 620 40.19 -51.12 -20.95
N GLU A 621 41.10 -51.90 -20.37
CA GLU A 621 41.17 -53.32 -20.69
C GLU A 621 39.91 -54.06 -20.26
N LEU A 622 39.42 -53.76 -19.06
CA LEU A 622 38.21 -54.42 -18.55
C LEU A 622 36.95 -54.07 -19.34
N PHE A 623 36.70 -52.78 -19.55
CA PHE A 623 35.52 -52.35 -20.31
C PHE A 623 35.59 -52.78 -21.78
N ASP A 624 36.79 -53.16 -22.22
CA ASP A 624 37.01 -53.63 -23.58
C ASP A 624 37.75 -54.96 -23.60
N LYS B 10 -42.72 25.04 -65.32
CA LYS B 10 -42.54 24.56 -63.95
C LYS B 10 -41.65 23.33 -63.90
N VAL B 11 -41.16 22.92 -65.07
CA VAL B 11 -40.19 21.83 -65.16
C VAL B 11 -38.82 22.35 -64.79
N GLU B 12 -38.65 23.66 -64.85
CA GLU B 12 -37.41 24.32 -64.42
C GLU B 12 -37.20 24.15 -62.91
N GLU B 13 -38.22 24.49 -62.13
CA GLU B 13 -38.19 24.31 -60.68
C GLU B 13 -37.99 22.83 -60.32
N LEU B 14 -38.52 21.96 -61.16
CA LEU B 14 -38.38 20.52 -60.94
C LEU B 14 -36.95 20.06 -61.19
N LEU B 15 -36.31 20.60 -62.23
CA LEU B 15 -34.92 20.26 -62.53
C LEU B 15 -33.98 20.82 -61.46
N SER B 16 -34.29 22.01 -60.96
CA SER B 16 -33.50 22.63 -59.90
C SER B 16 -33.60 21.86 -58.60
N LYS B 17 -34.84 21.53 -58.22
CA LYS B 17 -35.08 20.76 -56.99
C LYS B 17 -34.53 19.35 -57.11
N ASN B 18 -34.57 18.78 -58.32
CA ASN B 18 -34.06 17.44 -58.57
C ASN B 18 -32.55 17.40 -58.44
N ALA B 19 -31.89 18.31 -59.16
CA ALA B 19 -30.45 18.44 -59.09
C ALA B 19 -30.03 18.62 -57.64
N HIS B 20 -30.78 19.48 -56.94
CA HIS B 20 -30.47 19.71 -55.54
C HIS B 20 -30.67 18.47 -54.67
N LEU B 21 -31.71 17.68 -54.95
CA LEU B 21 -31.96 16.45 -54.20
C LEU B 21 -30.84 15.45 -54.41
N GLU B 22 -30.44 15.25 -55.66
CA GLU B 22 -29.31 14.40 -55.99
C GLU B 22 -28.06 14.85 -55.22
N ASN B 23 -27.75 16.13 -55.33
CA ASN B 23 -26.55 16.69 -54.71
C ASN B 23 -26.56 16.55 -53.18
N GLU B 24 -27.75 16.67 -52.59
CA GLU B 24 -27.93 16.62 -51.15
C GLU B 24 -27.79 15.19 -50.64
N VAL B 25 -28.25 14.24 -51.45
CA VAL B 25 -28.03 12.83 -51.14
C VAL B 25 -26.53 12.57 -51.11
N ALA B 26 -25.84 13.08 -52.14
CA ALA B 26 -24.38 12.94 -52.20
C ALA B 26 -23.70 13.45 -50.92
N ARG B 27 -24.02 14.70 -50.55
CA ARG B 27 -23.47 15.27 -49.33
C ARG B 27 -23.76 14.42 -48.10
N LEU B 28 -25.04 14.09 -47.86
CA LEU B 28 -25.41 13.31 -46.68
C LEU B 28 -24.63 12.00 -46.61
N LYS B 29 -24.47 11.35 -47.76
CA LYS B 29 -23.69 10.12 -47.86
C LYS B 29 -22.25 10.35 -47.44
N LYS B 30 -21.64 11.44 -47.90
CA LYS B 30 -20.25 11.73 -47.52
C LYS B 30 -20.10 12.08 -46.03
N LEU B 31 -21.05 12.89 -45.54
CA LEU B 31 -21.09 13.35 -44.16
C LEU B 31 -21.17 12.18 -43.20
N GLN B 32 -21.99 11.19 -43.55
CA GLN B 32 -22.11 9.99 -42.74
C GLN B 32 -20.74 9.30 -42.53
N LYS B 33 -19.99 9.16 -43.62
CA LYS B 33 -18.66 8.53 -43.56
C LYS B 33 -17.66 9.36 -42.78
N GLN B 34 -17.66 10.67 -43.03
CA GLN B 34 -16.80 11.59 -42.29
C GLN B 34 -17.02 11.50 -40.79
N MET B 35 -18.28 11.59 -40.38
CA MET B 35 -18.61 11.54 -38.96
C MET B 35 -18.31 10.16 -38.35
N SER B 36 -18.46 9.11 -39.15
CA SER B 36 -18.08 7.77 -38.70
C SER B 36 -16.59 7.71 -38.36
N LYS B 37 -15.75 8.08 -39.31
CA LYS B 37 -14.30 8.04 -39.08
C LYS B 37 -13.89 8.97 -37.94
N LYS B 38 -14.51 10.14 -37.88
CA LYS B 38 -14.24 11.09 -36.80
C LYS B 38 -14.53 10.46 -35.44
N MET B 39 -15.71 9.85 -35.31
CA MET B 39 -16.09 9.16 -34.09
C MET B 39 -15.04 8.12 -33.69
N ASN B 40 -14.72 7.23 -34.62
CA ASN B 40 -13.73 6.18 -34.32
C ASN B 40 -12.39 6.74 -33.84
N ASP B 41 -11.90 7.75 -34.54
CA ASP B 41 -10.66 8.42 -34.14
C ASP B 41 -10.74 9.01 -32.74
N GLN B 42 -11.82 9.74 -32.46
CA GLN B 42 -12.03 10.33 -31.14
C GLN B 42 -11.98 9.25 -30.07
N LEU B 43 -12.62 8.12 -30.35
CA LEU B 43 -12.62 6.97 -29.46
C LEU B 43 -11.19 6.49 -29.18
N GLU B 44 -10.42 6.25 -30.23
CA GLU B 44 -9.02 5.88 -30.09
C GLU B 44 -8.27 6.86 -29.19
N LEU B 45 -8.52 8.15 -29.39
CA LEU B 45 -7.82 9.16 -28.62
C LEU B 45 -8.15 9.02 -27.14
N MET B 46 -9.45 9.04 -26.82
CA MET B 46 -9.86 8.99 -25.41
C MET B 46 -9.32 7.73 -24.75
N GLU B 47 -9.38 6.61 -25.47
CA GLU B 47 -8.86 5.35 -24.96
C GLU B 47 -7.37 5.44 -24.63
N SER B 48 -6.56 5.91 -25.58
CA SER B 48 -5.14 6.13 -25.34
C SER B 48 -4.87 7.03 -24.12
N ASN B 49 -5.61 8.12 -24.01
CA ASN B 49 -5.50 8.96 -22.82
C ASN B 49 -5.84 8.23 -21.52
N ILE B 50 -6.87 7.38 -21.57
CA ILE B 50 -7.26 6.62 -20.38
C ILE B 50 -6.11 5.70 -19.96
N ARG B 51 -5.58 4.94 -20.91
CA ARG B 51 -4.46 4.06 -20.61
C ARG B 51 -3.32 4.85 -19.99
N ARG B 52 -2.88 5.89 -20.69
CA ARG B 52 -1.76 6.70 -20.23
C ARG B 52 -1.93 7.27 -18.82
N ASP B 53 -3.13 7.74 -18.50
CA ASP B 53 -3.36 8.34 -17.18
C ASP B 53 -3.50 7.30 -16.06
N ILE B 54 -4.13 6.17 -16.37
CA ILE B 54 -4.21 5.09 -15.41
C ILE B 54 -2.82 4.56 -15.05
N ARG B 55 -2.09 4.13 -16.07
CA ARG B 55 -0.74 3.65 -15.85
C ARG B 55 0.09 4.70 -15.11
N GLN B 56 0.07 5.94 -15.59
CA GLN B 56 0.84 6.97 -14.90
C GLN B 56 0.49 7.07 -13.43
N GLY B 57 -0.78 6.91 -13.10
CA GLY B 57 -1.20 6.90 -11.70
C GLY B 57 -0.59 5.76 -10.90
N PHE B 58 -0.63 4.56 -11.49
CA PHE B 58 -0.07 3.36 -10.85
C PHE B 58 1.43 3.52 -10.59
N VAL B 59 2.14 3.90 -11.65
CA VAL B 59 3.56 4.19 -11.58
C VAL B 59 3.89 5.22 -10.51
N ASP B 60 3.09 6.29 -10.45
CA ASP B 60 3.24 7.30 -9.40
C ASP B 60 3.15 6.69 -8.00
N LEU B 61 2.12 5.87 -7.78
CA LEU B 61 1.98 5.21 -6.49
C LEU B 61 3.23 4.41 -6.16
N GLN B 62 3.69 3.63 -7.15
CA GLN B 62 4.80 2.71 -6.93
C GLN B 62 6.18 3.39 -6.85
N THR B 63 6.28 4.65 -7.26
CA THR B 63 7.58 5.29 -7.38
C THR B 63 7.75 6.58 -6.60
N GLU B 64 6.72 6.99 -5.87
CA GLU B 64 6.76 8.24 -5.08
C GLU B 64 8.03 8.37 -4.26
N LYS B 65 8.88 9.33 -4.59
CA LYS B 65 10.07 9.60 -3.79
C LYS B 65 9.63 10.26 -2.48
N SER B 66 10.51 10.28 -1.48
CA SER B 66 10.16 10.91 -0.21
C SER B 66 10.85 12.25 0.01
N ASP B 67 10.22 13.31 -0.51
CA ASP B 67 10.83 14.63 -0.56
C ASP B 67 10.13 15.64 0.34
N LEU B 68 9.14 15.17 1.09
CA LEU B 68 8.40 16.03 2.00
C LEU B 68 9.26 16.41 3.21
N ILE B 69 10.53 16.02 3.19
CA ILE B 69 11.45 16.35 4.27
C ILE B 69 11.78 17.85 4.25
N ASP B 70 10.98 18.64 4.96
CA ASP B 70 11.14 20.11 4.97
C ASP B 70 11.42 20.73 6.34
N ASN B 71 12.67 21.16 6.54
CA ASN B 71 13.16 21.59 7.84
C ASN B 71 12.66 22.96 8.31
N VAL B 72 12.33 23.06 9.59
CA VAL B 72 11.76 24.27 10.14
C VAL B 72 12.47 24.78 11.40
N GLY B 73 12.81 23.88 12.31
CA GLY B 73 13.48 24.24 13.55
C GLY B 73 12.55 24.84 14.59
N ALA B 74 12.59 26.16 14.72
CA ALA B 74 11.69 26.86 15.65
C ALA B 74 10.30 27.02 15.01
N ILE B 75 9.28 26.68 15.79
CA ILE B 75 7.90 26.61 15.33
C ILE B 75 7.14 27.88 15.70
N PRO B 76 6.44 28.48 14.72
CA PRO B 76 5.75 29.75 14.91
C PRO B 76 4.40 29.59 15.64
N PHE B 77 4.43 29.34 16.95
CA PHE B 77 3.20 29.23 17.70
C PHE B 77 2.52 30.58 17.83
N LEU B 78 1.20 30.56 17.99
CA LEU B 78 0.45 31.77 18.29
C LEU B 78 0.63 32.13 19.76
N ASP B 79 0.34 33.38 20.10
CA ASP B 79 0.28 33.78 21.50
C ASP B 79 -0.89 33.06 22.17
N TYR B 80 -0.72 32.69 23.43
CA TYR B 80 -1.75 31.93 24.13
C TYR B 80 -3.11 32.62 24.16
N LYS B 81 -3.09 33.95 24.13
CA LYS B 81 -4.34 34.71 24.17
C LYS B 81 -5.26 34.46 22.99
N HIS B 82 -4.68 34.28 21.80
CA HIS B 82 -5.46 34.06 20.58
C HIS B 82 -5.90 32.61 20.45
N PHE B 83 -5.03 31.69 20.89
CA PHE B 83 -5.36 30.28 20.96
C PHE B 83 -6.59 30.13 21.83
N ALA B 84 -6.49 30.66 23.04
CA ALA B 84 -7.58 30.63 24.00
C ALA B 84 -8.81 31.35 23.48
N SER B 85 -8.60 32.44 22.75
CA SER B 85 -9.71 33.20 22.19
C SER B 85 -10.51 32.38 21.18
N ARG B 86 -9.82 31.56 20.40
CA ARG B 86 -10.50 30.70 19.43
C ARG B 86 -11.12 29.47 20.07
N ILE B 87 -10.54 29.03 21.19
CA ILE B 87 -11.06 27.85 21.87
C ILE B 87 -12.20 28.13 22.87
N PHE B 88 -12.27 29.36 23.38
CA PHE B 88 -13.36 29.76 24.26
C PHE B 88 -14.56 30.19 23.42
N PHE B 89 -14.36 31.21 22.58
CA PHE B 89 -15.42 31.73 21.72
C PHE B 89 -15.04 31.62 20.26
N PRO B 90 -15.50 30.55 19.59
CA PRO B 90 -15.15 30.39 18.18
C PRO B 90 -16.21 30.94 17.23
N GLU B 91 -17.08 31.80 17.73
CA GLU B 91 -18.14 32.38 16.92
C GLU B 91 -17.97 33.89 16.76
N ALA B 92 -18.37 34.64 17.79
CA ALA B 92 -18.25 36.10 17.76
C ALA B 92 -17.09 36.59 18.61
N GLY B 93 -16.56 37.76 18.27
CA GLY B 93 -15.43 38.32 18.97
C GLY B 93 -15.67 39.75 19.37
N THR B 94 -16.86 40.01 19.90
CA THR B 94 -17.24 41.36 20.30
C THR B 94 -16.61 41.71 21.64
N LEU B 95 -16.20 40.70 22.39
CA LEU B 95 -15.63 40.90 23.71
C LEU B 95 -14.17 40.45 23.78
N THR B 96 -13.81 39.52 22.88
CA THR B 96 -12.48 38.94 22.83
C THR B 96 -11.41 40.01 22.68
N ALA B 97 -11.66 40.96 21.77
CA ALA B 97 -10.73 42.05 21.49
C ALA B 97 -10.35 42.83 22.75
N VAL B 98 -11.36 43.25 23.51
CA VAL B 98 -11.13 44.02 24.72
C VAL B 98 -10.52 43.14 25.80
N MET B 99 -10.92 41.88 25.84
CA MET B 99 -10.44 40.94 26.85
C MET B 99 -8.99 40.52 26.65
N ILE B 100 -8.48 40.74 25.43
CA ILE B 100 -7.07 40.47 25.16
C ILE B 100 -6.20 41.66 25.51
N ARG B 101 -6.42 42.78 24.82
CA ARG B 101 -5.63 43.98 25.04
C ARG B 101 -6.33 44.94 26.00
N VAL B 112 -15.28 51.18 38.82
CA VAL B 112 -14.99 50.07 37.93
C VAL B 112 -14.29 48.92 38.65
N ASP B 113 -13.53 49.25 39.69
CA ASP B 113 -12.75 48.27 40.41
C ASP B 113 -13.48 47.72 41.62
N GLU B 114 -14.37 48.53 42.21
CA GLU B 114 -15.10 48.14 43.41
C GLU B 114 -16.16 47.08 43.14
N LYS B 115 -16.99 47.33 42.12
CA LYS B 115 -18.03 46.40 41.69
C LYS B 115 -17.43 45.09 41.16
N CYS B 116 -16.35 45.21 40.41
CA CYS B 116 -15.64 44.04 39.89
C CYS B 116 -15.04 43.23 41.04
N LEU B 117 -14.40 43.92 41.97
CA LEU B 117 -13.82 43.28 43.15
C LEU B 117 -14.91 42.54 43.92
N ALA B 118 -16.09 43.16 44.02
CA ALA B 118 -17.22 42.56 44.72
C ALA B 118 -17.67 41.29 44.03
N PHE B 119 -17.83 41.35 42.71
CA PHE B 119 -18.26 40.19 41.93
C PHE B 119 -17.24 39.06 41.98
N ALA B 120 -15.96 39.42 42.04
CA ALA B 120 -14.87 38.45 42.06
C ALA B 120 -14.73 37.78 43.43
N GLU B 121 -14.94 38.56 44.48
CA GLU B 121 -14.96 38.01 45.83
C GLU B 121 -16.15 37.07 45.97
N LEU B 122 -17.28 37.50 45.42
CA LEU B 122 -18.50 36.72 45.45
C LEU B 122 -18.31 35.37 44.75
N ILE B 123 -17.85 35.42 43.51
CA ILE B 123 -17.61 34.22 42.69
C ILE B 123 -16.77 33.15 43.38
N ARG B 124 -15.70 33.56 44.06
CA ARG B 124 -14.76 32.64 44.69
C ARG B 124 -15.36 31.86 45.87
N ASP B 125 -16.60 32.19 46.25
CA ASP B 125 -17.29 31.40 47.27
C ASP B 125 -17.92 30.18 46.61
N LYS B 126 -17.51 29.01 47.04
CA LYS B 126 -17.91 27.77 46.38
C LYS B 126 -19.42 27.63 46.24
N GLN B 127 -20.14 27.81 47.35
CA GLN B 127 -21.58 27.56 47.34
C GLN B 127 -22.33 28.55 46.47
N PHE B 128 -21.84 29.80 46.40
CA PHE B 128 -22.45 30.76 45.50
C PHE B 128 -22.36 30.31 44.06
N LEU B 129 -21.14 30.07 43.58
CA LEU B 129 -20.92 29.68 42.20
C LEU B 129 -21.69 28.41 41.84
N SER B 130 -21.69 27.46 42.77
CA SER B 130 -22.48 26.25 42.62
C SER B 130 -23.98 26.53 42.43
N CYS B 131 -24.59 27.22 43.38
CA CYS B 131 -26.02 27.50 43.29
C CYS B 131 -26.36 28.36 42.07
N PHE B 132 -25.40 29.18 41.65
CA PHE B 132 -25.48 30.01 40.46
C PHE B 132 -25.64 29.13 39.22
N VAL B 133 -24.61 28.32 38.97
CA VAL B 133 -24.61 27.44 37.80
C VAL B 133 -25.80 26.50 37.80
N HIS B 134 -26.08 25.89 38.94
CA HIS B 134 -27.21 24.97 39.07
C HIS B 134 -28.55 25.65 38.79
N ALA B 135 -28.69 26.89 39.23
CA ALA B 135 -29.92 27.64 39.01
C ALA B 135 -30.09 27.98 37.53
N LEU B 136 -29.01 28.45 36.92
CA LEU B 136 -29.05 28.84 35.51
C LEU B 136 -29.33 27.65 34.60
N GLU B 137 -28.93 26.47 35.04
CA GLU B 137 -29.13 25.26 34.24
C GLU B 137 -30.49 24.65 34.54
N GLU B 138 -31.26 25.32 35.39
CA GLU B 138 -32.59 24.84 35.77
C GLU B 138 -33.63 25.72 35.11
N GLN B 139 -33.39 26.10 33.87
CA GLN B 139 -34.28 27.01 33.16
C GLN B 139 -34.59 26.52 31.76
N LYS B 140 -35.86 26.55 31.39
CA LYS B 140 -36.25 26.27 30.02
C LYS B 140 -35.79 27.42 29.15
N ASN B 141 -35.80 28.62 29.72
CA ASN B 141 -35.47 29.84 29.00
C ASN B 141 -33.97 30.00 28.73
N PHE B 142 -33.21 28.96 29.06
CA PHE B 142 -31.75 29.01 28.98
C PHE B 142 -31.20 28.06 27.94
N SER B 143 -30.53 28.60 26.93
CA SER B 143 -30.04 27.80 25.82
C SER B 143 -28.59 27.37 25.97
N ILE B 144 -28.11 26.53 25.04
CA ILE B 144 -26.75 26.02 25.08
C ILE B 144 -25.72 27.11 24.85
N LYS B 145 -26.03 28.02 23.93
CA LYS B 145 -25.12 29.12 23.60
C LYS B 145 -24.85 29.99 24.81
N ASP B 146 -25.91 30.31 25.55
CA ASP B 146 -25.78 31.02 26.82
C ASP B 146 -24.85 30.25 27.74
N LYS B 147 -25.05 28.94 27.82
CA LYS B 147 -24.27 28.08 28.70
C LYS B 147 -22.78 28.19 28.39
N CYS B 148 -22.40 27.94 27.13
CA CYS B 148 -21.01 28.04 26.73
C CYS B 148 -20.46 29.45 26.97
N THR B 149 -21.33 30.44 26.79
CA THR B 149 -20.95 31.83 27.01
C THR B 149 -20.51 32.02 28.46
N VAL B 150 -21.42 31.76 29.39
CA VAL B 150 -21.13 31.98 30.81
C VAL B 150 -19.98 31.11 31.30
N ALA B 151 -19.86 29.89 30.78
CA ALA B 151 -18.74 29.01 31.13
C ALA B 151 -17.40 29.62 30.73
N SER B 152 -17.29 30.05 29.47
CA SER B 152 -16.08 30.74 29.02
C SER B 152 -15.79 32.03 29.81
N LEU B 153 -16.84 32.77 30.16
CA LEU B 153 -16.69 33.96 30.98
C LEU B 153 -16.18 33.61 32.38
N LEU B 154 -16.58 32.43 32.84
CA LEU B 154 -16.14 31.94 34.14
C LEU B 154 -14.67 31.64 34.06
N THR B 155 -14.26 30.96 32.99
CA THR B 155 -12.85 30.61 32.83
C THR B 155 -11.99 31.86 32.74
N LEU B 156 -12.46 32.85 31.98
CA LEU B 156 -11.74 34.12 31.89
C LEU B 156 -11.61 34.73 33.27
N ALA B 157 -12.70 34.71 34.02
CA ALA B 157 -12.74 35.26 35.37
C ALA B 157 -11.80 34.54 36.34
N LEU B 158 -11.68 33.22 36.18
CA LEU B 158 -10.91 32.43 37.13
C LEU B 158 -9.63 31.86 36.52
N HIS B 159 -9.14 32.47 35.45
CA HIS B 159 -7.93 31.97 34.81
C HIS B 159 -6.72 32.25 35.68
N GLY B 160 -6.85 33.22 36.58
CA GLY B 160 -5.78 33.53 37.52
C GLY B 160 -5.86 32.65 38.75
N ASP B 161 -6.87 31.77 38.78
CA ASP B 161 -7.08 30.89 39.91
C ASP B 161 -7.57 29.53 39.45
N LEU B 162 -6.70 28.80 38.75
CA LEU B 162 -7.06 27.52 38.16
C LEU B 162 -7.35 26.44 39.19
N LEU B 163 -6.81 26.59 40.39
CA LEU B 163 -7.00 25.56 41.39
C LEU B 163 -8.46 25.56 41.83
N TYR B 164 -8.94 26.74 42.18
CA TYR B 164 -10.33 26.92 42.57
C TYR B 164 -11.24 26.53 41.43
N LEU B 165 -10.86 26.92 40.22
CA LEU B 165 -11.63 26.58 39.04
C LEU B 165 -11.77 25.06 38.97
N THR B 166 -10.65 24.36 39.13
CA THR B 166 -10.64 22.92 39.05
C THR B 166 -11.57 22.32 40.07
N GLU B 167 -11.47 22.81 41.30
CA GLU B 167 -12.29 22.27 42.36
C GLU B 167 -13.78 22.42 42.07
N ILE B 168 -14.17 23.62 41.66
CA ILE B 168 -15.58 23.86 41.41
C ILE B 168 -16.05 22.99 40.24
N MET B 169 -15.19 22.80 39.25
CA MET B 169 -15.52 21.94 38.12
C MET B 169 -15.74 20.50 38.57
N GLU B 170 -14.92 20.04 39.50
CA GLU B 170 -15.04 18.69 40.01
C GLU B 170 -16.38 18.49 40.75
N ASP B 171 -16.70 19.40 41.66
CA ASP B 171 -17.99 19.32 42.36
C ASP B 171 -19.15 19.29 41.34
N LEU B 172 -19.06 20.16 40.34
CA LEU B 172 -20.10 20.25 39.30
C LEU B 172 -20.26 18.94 38.54
N LEU B 173 -19.15 18.35 38.13
CA LEU B 173 -19.15 17.09 37.40
C LEU B 173 -19.77 15.97 38.24
N GLN B 174 -19.37 15.90 39.51
CA GLN B 174 -19.96 14.94 40.44
C GLN B 174 -21.49 15.08 40.41
N SER B 175 -21.97 16.32 40.53
CA SER B 175 -23.40 16.56 40.45
C SER B 175 -23.98 16.01 39.15
N LEU B 176 -23.33 16.32 38.04
CA LEU B 176 -23.80 15.93 36.71
C LEU B 176 -23.92 14.42 36.52
N MET B 177 -23.07 13.67 37.20
CA MET B 177 -23.17 12.21 37.19
C MET B 177 -24.25 11.70 38.13
N ASP B 178 -24.06 11.96 39.43
CA ASP B 178 -24.96 11.42 40.45
C ASP B 178 -26.43 11.82 40.24
N GLN B 179 -26.66 12.92 39.55
CA GLN B 179 -28.01 13.50 39.46
C GLN B 179 -29.00 12.67 38.65
N SER B 180 -28.89 12.72 37.33
CA SER B 180 -29.95 12.19 36.49
C SER B 180 -29.47 11.44 35.25
N SER B 181 -28.15 11.40 35.04
CA SER B 181 -27.58 10.74 33.87
C SER B 181 -27.34 9.25 34.12
N ASN B 182 -28.18 8.65 34.96
CA ASN B 182 -28.05 7.25 35.31
C ASN B 182 -28.87 6.35 34.39
N ALA B 183 -29.46 6.94 33.36
CA ALA B 183 -30.20 6.18 32.36
C ALA B 183 -29.23 5.22 31.67
N ASN B 184 -28.02 5.71 31.42
CA ASN B 184 -26.92 4.88 30.97
C ASN B 184 -25.60 5.63 31.08
N PRO B 185 -24.65 5.08 31.85
CA PRO B 185 -23.38 5.75 32.15
C PRO B 185 -22.56 5.99 30.89
N LYS B 186 -23.00 5.42 29.78
CA LYS B 186 -22.29 5.53 28.52
C LYS B 186 -22.68 6.79 27.76
N LEU B 187 -23.85 7.34 28.08
CA LEU B 187 -24.31 8.53 27.35
C LEU B 187 -23.85 9.84 27.98
N LEU B 188 -22.82 9.78 28.81
CA LEU B 188 -22.27 10.96 29.49
C LEU B 188 -21.20 11.67 28.67
N LEU B 189 -21.21 13.01 28.71
CA LEU B 189 -20.19 13.82 28.03
C LEU B 189 -20.11 13.56 26.52
N ARG B 190 -21.22 13.13 25.94
CA ARG B 190 -21.26 12.85 24.50
C ARG B 190 -21.00 14.14 23.71
N ARG B 191 -21.49 15.25 24.25
CA ARG B 191 -21.41 16.53 23.57
C ARG B 191 -21.48 17.67 24.57
N THR B 192 -20.93 18.81 24.18
CA THR B 192 -20.92 19.98 25.03
C THR B 192 -22.26 20.71 24.99
N GLU B 193 -23.08 20.47 26.01
CA GLU B 193 -24.32 21.20 26.17
C GLU B 193 -24.40 21.90 27.53
N SER B 194 -24.13 21.18 28.61
CA SER B 194 -24.16 21.79 29.94
C SER B 194 -23.03 22.81 30.12
N ILE B 195 -23.09 23.54 31.22
CA ILE B 195 -22.06 24.53 31.53
C ILE B 195 -20.75 23.85 31.92
N VAL B 196 -20.88 22.79 32.71
CA VAL B 196 -19.74 21.99 33.16
C VAL B 196 -18.99 21.37 31.98
N GLU B 197 -19.71 21.09 30.91
CA GLU B 197 -19.10 20.49 29.72
C GLU B 197 -18.17 21.46 28.98
N LYS B 198 -18.70 22.65 28.69
CA LYS B 198 -17.91 23.70 28.09
C LYS B 198 -16.71 24.01 28.99
N LEU B 199 -17.01 24.07 30.28
CA LEU B 199 -15.99 24.28 31.30
C LEU B 199 -14.85 23.29 31.16
N LEU B 200 -15.22 22.02 31.04
CA LEU B 200 -14.24 20.94 30.97
C LEU B 200 -13.38 21.07 29.72
N THR B 201 -14.02 21.34 28.58
CA THR B 201 -13.29 21.59 27.34
C THR B 201 -12.23 22.67 27.54
N ASN B 202 -12.68 23.88 27.90
CA ASN B 202 -11.77 25.00 28.14
C ASN B 202 -10.63 24.63 29.08
N TRP B 203 -10.98 23.93 30.15
CA TRP B 203 -10.02 23.47 31.14
C TRP B 203 -8.95 22.64 30.45
N MET B 204 -9.39 21.69 29.63
CA MET B 204 -8.46 20.83 28.94
C MET B 204 -7.54 21.64 28.06
N SER B 205 -8.08 22.66 27.38
CA SER B 205 -7.23 23.53 26.58
C SER B 205 -6.15 24.17 27.44
N ILE B 206 -6.55 24.76 28.57
CA ILE B 206 -5.61 25.44 29.47
C ILE B 206 -4.50 24.52 29.99
N CYS B 207 -4.91 23.44 30.63
CA CYS B 207 -3.96 22.54 31.26
C CYS B 207 -3.13 21.76 30.26
N LEU B 208 -3.61 21.66 29.03
CA LEU B 208 -2.87 20.91 28.02
C LEU B 208 -2.04 21.76 27.05
N TYR B 209 -2.20 23.08 27.10
CA TYR B 209 -1.46 23.95 26.17
C TYR B 209 0.07 23.69 26.16
N GLY B 210 0.63 23.45 27.34
CA GLY B 210 2.04 23.17 27.47
C GLY B 210 2.47 21.91 26.72
N PHE B 211 1.89 20.78 27.12
CA PHE B 211 2.08 19.51 26.44
C PHE B 211 1.90 19.65 24.94
N LEU B 212 0.94 20.49 24.54
CA LEU B 212 0.71 20.77 23.12
C LEU B 212 1.99 21.29 22.49
N ARG B 213 2.49 22.41 23.02
CA ARG B 213 3.72 23.00 22.49
C ARG B 213 4.93 22.08 22.53
N GLU B 214 5.03 21.26 23.58
CA GLU B 214 6.16 20.34 23.73
C GLU B 214 6.10 19.19 22.72
N SER B 215 5.05 18.39 22.81
CA SER B 215 4.98 17.14 22.08
C SER B 215 4.19 17.20 20.77
N VAL B 216 3.03 17.84 20.79
CA VAL B 216 2.09 17.73 19.68
C VAL B 216 2.27 18.84 18.67
N GLY B 217 2.71 20.00 19.15
CA GLY B 217 2.92 21.16 18.30
C GLY B 217 3.72 20.87 17.05
N GLN B 218 4.98 20.49 17.22
CA GLN B 218 5.87 20.23 16.09
C GLN B 218 5.32 19.24 15.05
N PRO B 219 4.95 18.02 15.45
CA PRO B 219 4.49 17.07 14.43
C PRO B 219 3.22 17.52 13.72
N LEU B 220 2.42 18.35 14.38
CA LEU B 220 1.23 18.92 13.76
C LEU B 220 1.61 19.90 12.65
N PHE B 221 2.63 20.70 12.93
CA PHE B 221 3.14 21.67 11.97
C PHE B 221 3.64 20.92 10.74
N LEU B 222 4.46 19.90 10.98
CA LEU B 222 5.07 19.12 9.91
C LEU B 222 4.02 18.42 9.05
N LEU B 223 2.97 17.93 9.71
CA LEU B 223 1.84 17.35 8.97
C LEU B 223 1.18 18.41 8.09
N VAL B 224 1.11 19.63 8.59
CA VAL B 224 0.51 20.73 7.83
C VAL B 224 1.44 21.15 6.71
N SER B 225 2.72 21.28 7.02
CA SER B 225 3.72 21.64 6.03
C SER B 225 3.66 20.64 4.88
N ALA B 226 3.78 19.36 5.23
CA ALA B 226 3.79 18.28 4.25
C ALA B 226 2.52 18.23 3.41
N LEU B 227 1.37 18.27 4.08
CA LEU B 227 0.08 18.24 3.39
C LEU B 227 -0.01 19.36 2.39
N THR B 228 0.44 20.54 2.79
CA THR B 228 0.47 21.68 1.90
C THR B 228 1.29 21.29 0.68
N GLN B 229 2.47 20.76 0.93
CA GLN B 229 3.44 20.51 -0.12
C GLN B 229 3.00 19.43 -1.10
N GLN B 230 2.57 18.27 -0.57
CA GLN B 230 2.17 17.13 -1.39
C GLN B 230 1.03 17.44 -2.38
N ILE B 231 0.10 18.28 -1.94
CA ILE B 231 -0.98 18.72 -2.82
C ILE B 231 -0.43 19.63 -3.92
N SER B 232 0.64 20.35 -3.58
CA SER B 232 1.23 21.34 -4.47
C SER B 232 2.06 20.71 -5.57
N LYS B 233 2.18 19.37 -5.54
CA LYS B 233 2.89 18.64 -6.58
C LYS B 233 2.02 18.43 -7.82
N GLY B 234 0.71 18.57 -7.64
CA GLY B 234 -0.25 18.32 -8.71
C GLY B 234 -1.19 19.49 -8.93
N PRO B 235 -1.83 19.53 -10.12
CA PRO B 235 -2.64 20.64 -10.63
C PRO B 235 -3.82 20.98 -9.74
N VAL B 236 -4.03 22.27 -9.47
CA VAL B 236 -5.12 22.71 -8.62
C VAL B 236 -6.03 23.67 -9.37
N ASP B 237 -7.30 23.32 -9.52
CA ASP B 237 -8.25 24.26 -10.09
C ASP B 237 -8.32 25.43 -9.14
N SER B 238 -8.06 26.63 -9.65
CA SER B 238 -8.06 27.81 -8.82
C SER B 238 -9.49 28.24 -8.48
N VAL B 239 -10.47 27.61 -9.15
CA VAL B 239 -11.87 27.95 -8.98
C VAL B 239 -12.57 27.00 -7.99
N THR B 240 -12.79 25.75 -8.40
CA THR B 240 -13.42 24.78 -7.50
C THR B 240 -12.56 24.42 -6.30
N GLU B 241 -11.31 24.90 -6.33
CA GLU B 241 -10.31 24.62 -5.31
C GLU B 241 -10.01 23.13 -5.25
N LYS B 242 -10.32 22.41 -6.33
CA LYS B 242 -10.05 20.98 -6.42
C LYS B 242 -8.66 20.70 -6.98
N ALA B 243 -8.10 19.57 -6.59
CA ALA B 243 -6.74 19.22 -7.00
C ALA B 243 -6.58 17.75 -7.31
N LEU B 244 -5.37 17.38 -7.75
CA LEU B 244 -5.07 16.03 -8.17
C LEU B 244 -4.68 15.20 -6.96
N TYR B 245 -3.91 15.81 -6.07
CA TYR B 245 -3.50 15.15 -4.83
C TYR B 245 -4.41 15.55 -3.69
N THR B 246 -5.09 14.57 -3.11
CA THR B 246 -5.92 14.82 -1.93
C THR B 246 -6.22 13.54 -1.18
N LEU B 247 -6.79 13.69 0.01
CA LEU B 247 -7.17 12.57 0.85
C LEU B 247 -8.68 12.41 0.83
N SER B 248 -9.37 13.44 0.34
CA SER B 248 -10.82 13.44 0.31
C SER B 248 -11.33 13.29 -1.11
N GLU B 249 -12.11 12.25 -1.34
CA GLU B 249 -12.61 11.93 -2.68
C GLU B 249 -13.50 13.03 -3.26
N ASP B 250 -14.10 13.85 -2.40
CA ASP B 250 -14.93 14.95 -2.87
C ASP B 250 -14.10 16.05 -3.52
N TRP B 251 -12.89 16.26 -3.02
CA TRP B 251 -12.02 17.27 -3.60
C TRP B 251 -11.26 16.80 -4.85
N LEU B 252 -11.44 15.54 -5.23
CA LEU B 252 -10.72 14.96 -6.36
C LEU B 252 -11.17 15.62 -7.67
N LEU B 253 -10.27 15.77 -8.63
CA LEU B 253 -10.61 16.40 -9.91
C LEU B 253 -11.39 15.47 -10.85
N CYS B 254 -12.45 16.00 -11.44
CA CYS B 254 -13.26 15.24 -12.37
C CYS B 254 -12.49 15.05 -13.67
N GLN B 255 -12.42 16.13 -14.45
CA GLN B 255 -11.77 16.10 -15.75
C GLN B 255 -10.26 15.95 -15.63
N ALA B 256 -9.64 15.47 -16.71
CA ALA B 256 -8.20 15.28 -16.78
C ALA B 256 -7.46 16.60 -16.93
N GLN B 257 -6.16 16.52 -17.15
CA GLN B 257 -5.31 17.71 -17.29
C GLN B 257 -3.94 17.38 -17.88
N ASP B 258 -3.62 18.02 -19.00
CA ASP B 258 -2.33 17.84 -19.67
C ASP B 258 -1.33 18.88 -19.18
N PHE B 259 -0.18 18.42 -18.70
CA PHE B 259 0.79 19.33 -18.09
C PHE B 259 2.16 18.69 -17.88
N GLU B 260 3.17 19.54 -17.70
CA GLU B 260 4.51 19.10 -17.40
C GLU B 260 5.19 20.10 -16.47
N PRO B 261 5.94 19.61 -15.48
CA PRO B 261 6.63 20.48 -14.50
C PRO B 261 7.75 21.33 -15.10
N LEU B 262 8.02 22.47 -14.46
CA LEU B 262 9.12 23.34 -14.84
C LEU B 262 10.03 23.57 -13.64
N LYS B 263 11.32 23.34 -13.83
CA LYS B 263 12.33 23.64 -12.82
C LYS B 263 12.84 25.05 -13.02
N LEU B 264 12.11 26.03 -12.48
CA LEU B 264 12.48 27.42 -12.60
C LEU B 264 13.70 27.73 -11.75
N LYS B 265 14.46 28.74 -12.17
CA LYS B 265 15.55 29.23 -11.37
C LYS B 265 15.23 30.67 -10.93
N VAL B 266 14.41 30.76 -9.90
CA VAL B 266 13.96 32.03 -9.32
C VAL B 266 15.09 32.73 -8.56
N VAL B 267 15.32 34.00 -8.88
CA VAL B 267 16.37 34.77 -8.23
C VAL B 267 15.77 35.98 -7.52
N PHE B 268 16.34 36.33 -6.36
CA PHE B 268 15.90 37.48 -5.57
C PHE B 268 16.86 38.65 -5.69
N ALA B 269 16.33 39.87 -5.81
CA ALA B 269 17.17 41.07 -5.92
C ALA B 269 16.45 42.35 -5.50
N GLU B 274 24.01 46.26 -10.98
CA GLU B 274 24.30 46.72 -9.63
C GLU B 274 23.29 46.17 -8.61
N GLU B 275 22.74 44.99 -8.89
CA GLU B 275 21.77 44.36 -8.00
C GLU B 275 22.30 43.05 -7.43
N ILE B 276 21.93 42.77 -6.18
CA ILE B 276 22.43 41.60 -5.46
C ILE B 276 21.96 40.27 -6.06
N SER B 277 22.71 39.20 -5.82
CA SER B 277 22.38 37.89 -6.37
C SER B 277 21.91 36.90 -5.30
N GLU B 278 20.87 36.14 -5.64
CA GLU B 278 20.31 35.13 -4.73
C GLU B 278 19.48 34.07 -5.48
N SER B 279 20.16 33.08 -6.06
CA SER B 279 19.49 32.07 -6.89
C SER B 279 18.74 31.04 -6.04
N LEU B 280 17.75 30.39 -6.64
CA LEU B 280 16.92 29.42 -5.95
C LEU B 280 16.08 28.59 -6.92
N GLU B 281 16.28 27.27 -6.88
CA GLU B 281 15.54 26.36 -7.74
C GLU B 281 14.13 26.11 -7.20
N VAL B 282 13.11 26.44 -8.01
CA VAL B 282 11.72 26.31 -7.60
C VAL B 282 10.92 25.49 -8.62
N ILE B 283 10.15 24.52 -8.15
CA ILE B 283 9.39 23.67 -9.07
C ILE B 283 7.92 24.06 -9.22
N ALA B 284 7.54 24.42 -10.44
CA ALA B 284 6.14 24.76 -10.73
C ALA B 284 5.58 23.93 -11.88
N LEU B 285 4.44 24.34 -12.41
CA LEU B 285 3.79 23.60 -13.50
C LEU B 285 3.37 24.52 -14.65
N THR B 286 3.01 23.93 -15.78
CA THR B 286 2.57 24.69 -16.96
C THR B 286 1.09 25.04 -16.90
N CYS B 287 0.47 24.79 -15.77
CA CYS B 287 -0.97 25.01 -15.63
C CYS B 287 -1.26 25.76 -14.35
N ASP B 288 -0.22 26.39 -13.80
CA ASP B 288 -0.38 27.16 -12.57
C ASP B 288 -0.64 28.64 -12.82
N THR B 289 -1.62 29.17 -12.09
CA THR B 289 -1.90 30.60 -12.09
C THR B 289 -0.75 31.30 -11.38
N ILE B 290 -0.41 32.50 -11.85
CA ILE B 290 0.66 33.31 -11.27
C ILE B 290 0.67 33.27 -9.75
N GLN B 291 -0.48 33.58 -9.15
CA GLN B 291 -0.60 33.57 -7.69
C GLN B 291 -0.18 32.22 -7.14
N GLN B 292 -0.58 31.14 -7.80
CA GLN B 292 -0.22 29.80 -7.34
C GLN B 292 1.28 29.58 -7.36
N VAL B 293 1.94 30.21 -8.32
CA VAL B 293 3.38 30.12 -8.42
C VAL B 293 4.03 30.91 -7.30
N LYS B 294 3.45 32.07 -6.97
CA LYS B 294 3.91 32.88 -5.84
C LYS B 294 3.81 32.08 -4.52
N GLU B 295 2.72 31.33 -4.41
CA GLU B 295 2.57 30.36 -3.35
C GLU B 295 3.71 29.35 -3.35
N LYS B 296 3.94 28.66 -4.46
CA LYS B 296 4.97 27.62 -4.49
C LYS B 296 6.36 28.16 -4.15
N ILE B 297 6.62 29.43 -4.51
CA ILE B 297 7.92 30.01 -4.18
C ILE B 297 8.03 30.44 -2.71
N LEU B 298 7.03 31.12 -2.16
CA LEU B 298 7.07 31.43 -0.72
C LEU B 298 7.17 30.14 0.10
N GLN B 299 6.45 29.11 -0.31
CA GLN B 299 6.46 27.83 0.36
C GLN B 299 7.82 27.14 0.28
N THR B 300 8.37 27.04 -0.93
CA THR B 300 9.70 26.44 -1.07
C THR B 300 10.73 27.22 -0.24
N PHE B 301 10.56 28.53 -0.19
CA PHE B 301 11.44 29.37 0.61
C PHE B 301 11.36 29.02 2.10
N GLN B 302 10.17 29.10 2.69
CA GLN B 302 10.04 28.87 4.12
C GLN B 302 10.30 27.42 4.50
N ARG B 303 10.23 26.52 3.52
CA ARG B 303 10.47 25.11 3.76
C ARG B 303 11.95 24.77 3.63
N LYS B 304 12.68 25.54 2.84
CA LYS B 304 14.10 25.31 2.66
C LYS B 304 14.95 26.06 3.70
N PHE B 305 14.50 27.23 4.12
CA PHE B 305 15.27 28.06 5.03
C PHE B 305 14.75 28.03 6.47
N GLY B 306 13.42 28.07 6.63
CA GLY B 306 12.81 28.07 7.94
C GLY B 306 12.11 29.37 8.29
N PHE B 307 12.30 30.38 7.46
CA PHE B 307 11.66 31.68 7.67
C PHE B 307 11.01 32.18 6.37
N ARG B 308 9.96 32.98 6.50
CA ARG B 308 9.31 33.57 5.34
C ARG B 308 10.21 34.65 4.74
N TYR B 309 10.25 34.74 3.41
CA TYR B 309 10.97 35.84 2.76
C TYR B 309 10.19 37.12 3.00
N THR B 310 8.88 37.05 2.80
CA THR B 310 7.99 38.13 3.17
C THR B 310 6.74 37.52 3.83
N GLN B 311 6.41 38.02 5.02
CA GLN B 311 5.25 37.52 5.76
C GLN B 311 3.97 37.74 4.96
N GLN B 312 3.79 38.96 4.47
CA GLN B 312 2.68 39.29 3.57
C GLN B 312 2.99 38.86 2.15
N ILE B 313 2.12 38.02 1.58
CA ILE B 313 2.30 37.52 0.22
C ILE B 313 2.09 38.63 -0.80
N ARG B 314 1.46 39.71 -0.36
CA ARG B 314 1.12 40.81 -1.25
C ARG B 314 2.15 41.93 -1.20
N ASP B 315 3.43 41.56 -1.28
CA ASP B 315 4.49 42.56 -1.30
C ASP B 315 5.53 42.24 -2.37
N ILE B 316 5.66 40.95 -2.69
CA ILE B 316 6.67 40.49 -3.64
C ILE B 316 6.28 40.68 -5.11
N GLU B 317 7.13 41.41 -5.85
CA GLU B 317 6.93 41.60 -7.28
C GLU B 317 7.53 40.43 -8.05
N ILE B 318 6.69 39.74 -8.84
CA ILE B 318 7.13 38.62 -9.66
C ILE B 318 7.28 39.04 -11.11
N GLU B 319 8.45 38.79 -11.68
CA GLU B 319 8.74 39.27 -13.03
C GLU B 319 9.44 38.21 -13.90
N TYR B 320 8.95 38.05 -15.12
CA TYR B 320 9.54 37.11 -16.06
C TYR B 320 10.49 37.82 -17.01
N GLU B 321 11.60 37.15 -17.37
CA GLU B 321 12.56 37.74 -18.29
C GLU B 321 12.44 37.16 -19.70
N LYS B 322 11.75 37.89 -20.57
CA LYS B 322 11.52 37.43 -21.93
C LYS B 322 12.76 37.63 -22.79
N GLU B 323 13.36 38.80 -22.66
CA GLU B 323 14.57 39.15 -23.42
C GLU B 323 15.29 40.33 -22.78
N PHE B 326 12.54 41.43 -20.03
CA PHE B 326 12.20 41.62 -18.63
C PHE B 326 10.76 42.12 -18.48
N VAL B 327 9.80 41.22 -18.66
CA VAL B 327 8.38 41.58 -18.69
C VAL B 327 7.63 41.17 -17.42
N MET B 328 6.93 42.13 -16.83
CA MET B 328 6.09 41.84 -15.66
C MET B 328 4.87 41.02 -16.06
N LEU B 329 4.54 40.03 -15.24
CA LEU B 329 3.40 39.16 -15.51
C LEU B 329 2.29 39.30 -14.46
N GLN B 330 1.04 39.17 -14.90
CA GLN B 330 -0.11 39.38 -14.03
C GLN B 330 -1.11 38.24 -14.09
N GLU B 331 -2.12 38.31 -13.23
CA GLU B 331 -3.18 37.31 -13.17
C GLU B 331 -3.92 37.21 -14.50
N VAL B 332 -4.32 38.36 -15.02
CA VAL B 332 -5.00 38.47 -16.31
C VAL B 332 -4.47 39.68 -17.07
N ASP B 333 -4.26 39.52 -18.38
CA ASP B 333 -3.89 40.65 -19.24
C ASP B 333 -4.90 40.83 -20.38
N ASP B 334 -4.53 41.61 -21.39
CA ASP B 334 -5.43 41.91 -22.50
C ASP B 334 -5.59 40.76 -23.48
N THR B 335 -4.91 39.65 -23.25
CA THR B 335 -4.93 38.51 -24.17
C THR B 335 -5.46 37.20 -23.57
N SER B 336 -6.52 37.29 -22.78
CA SER B 336 -7.12 36.11 -22.15
C SER B 336 -8.29 35.56 -22.95
N GLU B 337 -8.35 34.24 -23.10
CA GLU B 337 -9.44 33.59 -23.82
C GLU B 337 -10.76 33.78 -23.09
N ILE B 338 -11.86 33.89 -23.85
CA ILE B 338 -13.19 34.02 -23.26
C ILE B 338 -14.18 33.04 -23.89
N ARG B 339 -14.76 32.17 -23.06
CA ARG B 339 -15.70 31.18 -23.55
C ARG B 339 -17.09 31.31 -22.92
N GLY B 340 -18.09 31.63 -23.73
CA GLY B 340 -19.46 31.73 -23.28
C GLY B 340 -19.75 32.97 -22.44
N HIS B 341 -19.45 32.87 -21.15
CA HIS B 341 -19.70 33.97 -20.22
C HIS B 341 -18.67 33.98 -19.10
N VAL B 342 -17.57 33.23 -19.29
CA VAL B 342 -16.54 33.08 -18.28
C VAL B 342 -15.12 33.21 -18.88
N THR B 343 -14.22 33.88 -18.15
CA THR B 343 -12.86 34.13 -18.64
C THR B 343 -11.83 33.13 -18.10
N MET B 344 -10.92 32.70 -18.96
CA MET B 344 -9.85 31.80 -18.54
C MET B 344 -8.67 32.56 -17.92
N LEU B 345 -8.24 32.12 -16.74
CA LEU B 345 -7.08 32.68 -16.07
C LEU B 345 -5.80 32.47 -16.87
N ASN B 346 -4.75 33.17 -16.48
CA ASN B 346 -3.47 33.02 -17.16
C ASN B 346 -2.55 32.02 -16.47
N THR B 347 -2.27 30.92 -17.15
CA THR B 347 -1.38 29.89 -16.63
C THR B 347 0.07 30.23 -16.98
N LEU B 348 0.96 29.25 -16.96
CA LEU B 348 2.36 29.47 -17.31
C LEU B 348 2.66 29.17 -18.78
N LYS B 349 1.90 28.25 -19.37
CA LYS B 349 2.03 27.98 -20.79
C LYS B 349 1.60 29.22 -21.52
N HIS B 350 0.67 29.98 -20.92
CA HIS B 350 0.13 31.19 -21.51
C HIS B 350 1.22 32.22 -21.80
N TYR B 351 2.14 32.39 -20.86
CA TYR B 351 3.26 33.32 -21.06
C TYR B 351 4.44 32.62 -21.73
N GLN B 352 4.18 31.45 -22.31
CA GLN B 352 5.20 30.67 -23.02
C GLN B 352 6.47 30.48 -22.19
N VAL B 353 6.31 29.92 -21.00
CA VAL B 353 7.43 29.74 -20.08
C VAL B 353 7.95 28.31 -20.10
N GLY B 354 9.27 28.18 -20.24
CA GLY B 354 9.89 26.87 -20.38
C GLY B 354 10.66 26.43 -19.15
N ASP B 355 11.48 25.39 -19.33
CA ASP B 355 12.22 24.79 -18.22
C ASP B 355 13.50 25.54 -17.93
N GLY B 356 13.67 25.99 -16.69
CA GLY B 356 14.85 26.73 -16.28
C GLY B 356 14.70 28.22 -16.53
N ALA B 357 13.47 28.72 -16.41
CA ALA B 357 13.19 30.12 -16.71
C ALA B 357 13.49 31.03 -15.53
N CYS B 358 14.35 32.02 -15.78
CA CYS B 358 14.72 33.00 -14.75
C CYS B 358 13.50 33.80 -14.31
N ILE B 359 13.25 33.79 -13.00
CA ILE B 359 12.12 34.53 -12.46
C ILE B 359 12.58 35.43 -11.31
N LYS B 360 12.22 36.71 -11.39
CA LYS B 360 12.70 37.70 -10.42
C LYS B 360 11.65 38.04 -9.36
N VAL B 361 12.10 38.12 -8.12
CA VAL B 361 11.25 38.49 -6.99
C VAL B 361 11.81 39.71 -6.26
N ILE B 362 11.15 40.86 -6.42
CA ILE B 362 11.61 42.09 -5.80
C ILE B 362 10.63 42.62 -4.76
N THR B 363 10.92 43.81 -4.23
CA THR B 363 10.04 44.48 -3.29
C THR B 363 9.66 45.87 -3.81
N PRO B 364 8.37 46.13 -3.93
CA PRO B 364 7.88 47.40 -4.44
C PRO B 364 7.21 48.21 -3.35
N SER B 375 -5.70 42.24 -5.54
CA SER B 375 -5.70 40.84 -5.98
C SER B 375 -7.01 40.50 -6.69
N VAL B 376 -6.97 39.47 -7.53
CA VAL B 376 -8.14 39.02 -8.27
C VAL B 376 -9.11 38.26 -7.36
N LYS B 377 -8.56 37.44 -6.47
CA LYS B 377 -9.36 36.66 -5.53
C LYS B 377 -10.10 37.56 -4.54
N ASP B 378 -9.63 38.80 -4.41
CA ASP B 378 -10.24 39.76 -3.50
C ASP B 378 -11.63 40.19 -3.98
N ASP B 379 -11.92 39.95 -5.26
CA ASP B 379 -13.22 40.29 -5.84
C ASP B 379 -14.37 39.53 -5.19
N LYS B 380 -15.51 40.19 -5.03
CA LYS B 380 -16.68 39.57 -4.41
C LYS B 380 -17.21 38.45 -5.29
N ASN B 381 -17.30 38.72 -6.59
CA ASN B 381 -17.76 37.73 -7.55
C ASN B 381 -16.59 37.15 -8.33
N PHE B 382 -15.94 36.13 -7.76
CA PHE B 382 -14.76 35.55 -8.36
C PHE B 382 -15.03 34.18 -8.97
N SER B 383 -15.87 33.39 -8.32
CA SER B 383 -16.10 32.00 -8.74
C SER B 383 -17.10 31.87 -9.89
N ILE B 384 -17.79 32.96 -10.21
CA ILE B 384 -18.78 32.96 -11.28
C ILE B 384 -18.38 33.87 -12.43
N LYS B 385 -17.09 34.19 -12.50
CA LYS B 385 -16.59 35.07 -13.54
C LYS B 385 -15.32 34.52 -14.16
N TYR B 386 -14.61 33.66 -13.42
CA TYR B 386 -13.33 33.13 -13.87
C TYR B 386 -13.36 31.63 -14.14
N PHE B 387 -12.42 31.18 -14.96
CA PHE B 387 -12.39 29.80 -15.46
C PHE B 387 -10.96 29.28 -15.44
N HIS B 388 -10.76 28.07 -14.93
CA HIS B 388 -9.43 27.48 -14.91
C HIS B 388 -9.38 26.04 -15.45
N LEU B 389 -10.04 25.11 -14.76
CA LEU B 389 -9.89 23.70 -15.11
C LEU B 389 -11.19 22.90 -15.24
N VAL B 390 -12.34 23.56 -15.20
CA VAL B 390 -13.63 22.89 -15.36
C VAL B 390 -14.61 23.72 -16.19
N ASP B 391 -15.29 23.10 -17.16
CA ASP B 391 -16.28 23.80 -17.97
C ASP B 391 -17.40 22.89 -18.52
N PRO B 392 -18.43 23.48 -19.10
CA PRO B 392 -19.58 22.72 -19.61
C PRO B 392 -19.64 22.70 -21.13
N LYS B 408 -14.63 13.08 -17.86
CA LYS B 408 -15.47 13.05 -16.67
C LYS B 408 -15.27 11.77 -15.85
N ILE B 409 -14.23 11.02 -16.16
CA ILE B 409 -13.86 9.86 -15.35
C ILE B 409 -13.08 10.31 -14.13
N LYS B 410 -13.77 10.45 -13.01
CA LYS B 410 -13.16 10.92 -11.77
C LYS B 410 -12.38 9.79 -11.10
N GLU B 411 -12.93 8.58 -11.17
CA GLU B 411 -12.41 7.43 -10.43
C GLU B 411 -10.99 7.01 -10.80
N MET B 412 -10.55 7.36 -12.01
CA MET B 412 -9.21 6.97 -12.44
C MET B 412 -8.13 7.64 -11.61
N TYR B 413 -8.55 8.57 -10.75
CA TYR B 413 -7.62 9.30 -9.92
C TYR B 413 -7.71 8.86 -8.46
N LEU B 414 -8.48 7.81 -8.21
CA LEU B 414 -8.59 7.29 -6.85
C LEU B 414 -7.23 6.94 -6.29
N ILE B 415 -6.38 6.37 -7.13
CA ILE B 415 -5.01 6.04 -6.78
C ILE B 415 -4.35 7.22 -6.09
N LYS B 416 -4.53 8.41 -6.64
CA LYS B 416 -3.94 9.61 -6.08
C LYS B 416 -4.21 9.76 -4.58
N LEU B 417 -5.46 9.48 -4.17
CA LEU B 417 -5.79 9.44 -2.74
C LEU B 417 -4.78 8.62 -1.99
N LEU B 418 -4.77 7.33 -2.29
CA LEU B 418 -3.79 6.41 -1.75
C LEU B 418 -2.41 7.02 -1.86
N SER B 419 -2.09 7.46 -3.08
CA SER B 419 -0.78 8.01 -3.40
C SER B 419 -0.44 9.18 -2.47
N THR B 420 -1.44 10.03 -2.20
CA THR B 420 -1.26 11.11 -1.24
C THR B 420 -1.17 10.52 0.15
N LYS B 421 -2.13 9.67 0.50
CA LYS B 421 -2.25 9.07 1.83
C LYS B 421 -0.97 8.42 2.34
N VAL B 422 -0.31 7.69 1.46
CA VAL B 422 0.96 7.05 1.77
C VAL B 422 2.00 8.12 2.06
N ALA B 423 2.14 9.06 1.13
CA ALA B 423 3.19 10.07 1.19
C ALA B 423 3.19 10.85 2.49
N VAL B 424 1.99 11.08 3.01
CA VAL B 424 1.79 11.91 4.18
C VAL B 424 1.69 11.04 5.44
N HIS B 425 1.46 9.74 5.25
CA HIS B 425 1.22 8.82 6.37
C HIS B 425 2.22 8.97 7.49
N SER B 426 3.49 9.12 7.13
CA SER B 426 4.53 9.27 8.14
C SER B 426 4.19 10.38 9.11
N PHE B 427 3.91 11.56 8.59
CA PHE B 427 3.61 12.70 9.44
C PHE B 427 2.39 12.45 10.31
N VAL B 428 1.47 11.60 9.83
CA VAL B 428 0.24 11.33 10.58
C VAL B 428 0.54 10.52 11.82
N GLU B 429 1.08 9.32 11.63
CA GLU B 429 1.37 8.42 12.73
C GLU B 429 2.25 9.10 13.77
N ASN B 430 3.16 9.95 13.31
CA ASN B 430 3.89 10.81 14.22
C ASN B 430 2.94 11.61 15.10
N LEU B 431 2.23 12.55 14.49
CA LEU B 431 1.28 13.38 15.20
C LEU B 431 0.42 12.56 16.16
N PHE B 432 -0.25 11.54 15.63
CA PHE B 432 -1.09 10.64 16.41
C PHE B 432 -0.35 10.02 17.59
N LYS B 433 0.81 9.43 17.34
CA LYS B 433 1.56 8.84 18.44
C LYS B 433 2.19 9.87 19.37
N SER B 434 2.18 11.14 18.95
CA SER B 434 2.61 12.21 19.84
C SER B 434 1.43 12.59 20.71
N ILE B 435 0.23 12.39 20.18
CA ILE B 435 -0.96 12.73 20.93
C ILE B 435 -1.23 11.73 22.05
N TRP B 436 -1.22 10.43 21.75
CA TRP B 436 -1.39 9.44 22.80
C TRP B 436 -0.06 8.88 23.24
N GLY B 437 0.91 9.77 23.45
CA GLY B 437 2.24 9.36 23.85
C GLY B 437 2.58 9.63 25.29
N LEU B 438 3.60 8.94 25.79
CA LEU B 438 4.06 9.15 27.15
C LEU B 438 5.53 9.59 27.15
N PRO B 439 5.75 10.91 27.10
CA PRO B 439 7.09 11.53 27.15
C PRO B 439 7.80 11.15 28.44
N ASN B 440 8.78 10.25 28.34
CA ASN B 440 9.51 9.72 29.51
C ASN B 440 8.61 8.90 30.44
N ASN B 441 7.76 8.06 29.86
CA ASN B 441 6.82 7.23 30.60
C ASN B 441 5.76 8.00 31.42
N LYS B 442 5.77 9.33 31.31
CA LYS B 442 4.84 10.19 32.03
C LYS B 442 3.86 10.88 31.08
N ALA B 443 2.57 10.77 31.39
CA ALA B 443 1.55 11.50 30.65
C ALA B 443 1.51 12.94 31.16
N PRO B 444 0.97 13.86 30.36
CA PRO B 444 0.78 15.22 30.88
C PRO B 444 -0.09 15.22 32.14
N LEU B 445 0.31 16.01 33.13
CA LEU B 445 -0.34 16.00 34.44
C LEU B 445 -1.85 16.19 34.37
N ALA B 446 -2.30 17.02 33.43
CA ALA B 446 -3.71 17.32 33.26
C ALA B 446 -4.45 16.02 33.01
N VAL B 447 -3.93 15.27 32.06
CA VAL B 447 -4.53 14.02 31.62
C VAL B 447 -4.54 13.00 32.74
N LYS B 448 -3.38 12.76 33.35
CA LYS B 448 -3.26 11.75 34.38
C LYS B 448 -4.22 12.06 35.52
N TYR B 449 -4.26 13.32 35.92
CA TYR B 449 -5.17 13.70 36.99
C TYR B 449 -6.60 13.43 36.61
N PHE B 450 -7.03 13.98 35.47
CA PHE B 450 -8.44 13.91 35.11
C PHE B 450 -8.90 12.49 34.85
N PHE B 451 -8.01 11.67 34.32
CA PHE B 451 -8.34 10.28 34.05
C PHE B 451 -8.47 9.53 35.36
N ASP B 452 -7.58 9.80 36.30
CA ASP B 452 -7.70 9.21 37.63
C ASP B 452 -9.00 9.65 38.32
N PHE B 453 -9.42 10.87 38.04
CA PHE B 453 -10.70 11.36 38.53
C PHE B 453 -11.85 10.52 37.97
N LEU B 454 -11.88 10.34 36.65
CA LEU B 454 -12.90 9.50 36.03
C LEU B 454 -12.89 8.11 36.65
N ASP B 455 -11.69 7.58 36.91
CA ASP B 455 -11.54 6.28 37.56
C ASP B 455 -12.30 6.31 38.88
N GLU B 456 -11.98 7.30 39.71
CA GLU B 456 -12.60 7.46 41.02
C GLU B 456 -14.13 7.52 40.94
N GLN B 457 -14.65 8.25 39.97
CA GLN B 457 -16.10 8.41 39.85
C GLN B 457 -16.80 7.16 39.34
N ALA B 458 -16.15 6.44 38.45
CA ALA B 458 -16.69 5.18 37.99
C ALA B 458 -16.73 4.23 39.18
N GLU B 459 -15.70 4.32 40.01
CA GLU B 459 -15.64 3.51 41.22
C GLU B 459 -16.80 3.87 42.14
N ARG B 460 -17.05 5.16 42.29
CA ARG B 460 -18.06 5.65 43.22
C ARG B 460 -19.49 5.37 42.76
N LYS B 461 -19.65 5.02 41.48
CA LYS B 461 -20.97 4.70 40.96
C LYS B 461 -21.15 3.19 40.99
N LYS B 462 -20.09 2.47 41.37
CA LYS B 462 -20.09 1.01 41.41
C LYS B 462 -20.31 0.39 40.03
N ILE B 463 -19.37 0.61 39.12
CA ILE B 463 -19.46 0.10 37.76
C ILE B 463 -18.40 -0.96 37.47
N THR B 464 -18.82 -2.07 36.88
CA THR B 464 -17.89 -3.17 36.56
C THR B 464 -17.85 -3.45 35.05
N ASP B 465 -17.50 -2.44 34.28
CA ASP B 465 -17.51 -2.55 32.82
C ASP B 465 -16.62 -1.51 32.17
N PRO B 466 -15.38 -1.90 31.83
CA PRO B 466 -14.32 -0.99 31.36
C PRO B 466 -14.74 -0.16 30.15
N ASP B 467 -15.67 -0.69 29.36
CA ASP B 467 -16.19 0.01 28.18
C ASP B 467 -16.72 1.39 28.55
N VAL B 468 -17.33 1.48 29.73
CA VAL B 468 -17.84 2.74 30.23
C VAL B 468 -16.72 3.74 30.49
N LEU B 469 -15.70 3.33 31.23
CA LEU B 469 -14.57 4.20 31.52
C LEU B 469 -13.89 4.64 30.22
N HIS B 470 -13.87 3.75 29.23
CA HIS B 470 -13.34 4.10 27.93
C HIS B 470 -14.21 5.16 27.27
N ILE B 471 -15.52 5.02 27.42
CA ILE B 471 -16.46 5.97 26.84
C ILE B 471 -16.30 7.37 27.44
N TRP B 472 -16.22 7.46 28.77
CA TRP B 472 -15.95 8.73 29.42
C TRP B 472 -14.62 9.30 28.96
N LYS B 473 -13.56 8.50 29.04
CA LYS B 473 -12.24 8.95 28.65
C LYS B 473 -12.19 9.50 27.23
N THR B 474 -12.68 8.76 26.23
CA THR B 474 -12.71 9.32 24.88
C THR B 474 -13.60 10.57 24.81
N ASN B 475 -14.72 10.56 25.52
CA ASN B 475 -15.67 11.66 25.41
C ASN B 475 -15.25 12.91 26.13
N SER B 476 -14.13 12.84 26.85
CA SER B 476 -13.73 14.04 27.56
C SER B 476 -12.39 14.61 27.10
N LEU B 477 -11.64 13.87 26.29
CA LEU B 477 -10.34 14.41 25.86
C LEU B 477 -10.10 14.46 24.34
N PRO B 478 -9.97 13.30 23.67
CA PRO B 478 -9.68 13.37 22.24
C PRO B 478 -10.80 14.05 21.46
N LEU B 479 -12.06 13.87 21.89
CA LEU B 479 -13.22 14.40 21.18
C LEU B 479 -13.60 15.83 21.51
N ARG B 480 -13.13 16.34 22.66
CA ARG B 480 -13.42 17.71 23.05
C ARG B 480 -12.30 18.63 22.65
N PHE B 481 -11.11 18.07 22.47
CA PHE B 481 -9.94 18.92 22.33
C PHE B 481 -9.09 18.65 21.10
N TRP B 482 -8.47 17.47 21.05
CA TRP B 482 -7.54 17.12 19.99
C TRP B 482 -8.15 17.16 18.59
N VAL B 483 -9.33 16.56 18.47
CA VAL B 483 -10.07 16.61 17.21
C VAL B 483 -10.27 18.06 16.77
N ASN B 484 -10.62 18.93 17.70
CA ASN B 484 -10.83 20.32 17.34
C ASN B 484 -9.55 21.04 16.95
N ILE B 485 -8.41 20.43 17.25
CA ILE B 485 -7.13 20.99 16.86
C ILE B 485 -6.70 20.49 15.48
N LEU B 486 -6.73 19.18 15.30
CA LEU B 486 -6.44 18.56 14.01
C LEU B 486 -7.28 19.22 12.92
N LYS B 487 -8.50 19.58 13.25
CA LYS B 487 -9.39 20.17 12.27
C LYS B 487 -9.16 21.68 12.10
N ASN B 488 -8.51 22.29 13.08
CA ASN B 488 -8.27 23.73 13.00
C ASN B 488 -6.90 24.15 13.54
N PRO B 489 -5.84 23.83 12.78
CA PRO B 489 -4.47 24.16 13.20
C PRO B 489 -4.18 25.66 13.19
N ASP B 490 -4.96 26.44 12.45
CA ASP B 490 -4.76 27.89 12.38
C ASP B 490 -4.91 28.56 13.74
N PHE B 491 -5.61 27.87 14.66
CA PHE B 491 -5.79 28.32 16.02
C PHE B 491 -4.48 28.30 16.77
N VAL B 492 -3.57 27.42 16.34
CA VAL B 492 -2.35 27.17 17.08
C VAL B 492 -1.16 27.95 16.54
N PHE B 493 -1.06 28.06 15.22
CA PHE B 493 0.13 28.66 14.63
C PHE B 493 -0.08 30.04 14.03
N SER B 494 0.97 30.84 14.08
CA SER B 494 0.96 32.20 13.57
C SER B 494 1.11 32.20 12.07
N ASP B 495 0.37 33.10 11.40
CA ASP B 495 0.37 33.22 9.94
C ASP B 495 -0.10 31.94 9.26
N MET B 496 -1.08 31.29 9.87
CA MET B 496 -1.55 30.00 9.40
C MET B 496 -2.83 30.15 8.58
N GLU B 497 -2.67 30.56 7.33
CA GLU B 497 -3.81 30.66 6.43
C GLU B 497 -4.24 29.25 6.02
N LYS B 498 -5.43 28.86 6.45
CA LYS B 498 -5.93 27.51 6.19
C LYS B 498 -7.03 27.51 5.11
N SER B 499 -6.82 26.68 4.08
CA SER B 499 -7.74 26.63 2.94
C SER B 499 -8.87 25.63 3.18
N PRO B 500 -9.99 25.77 2.44
CA PRO B 500 -11.12 24.84 2.55
C PRO B 500 -10.75 23.40 2.17
N HIS B 501 -9.92 23.22 1.15
CA HIS B 501 -9.45 21.91 0.75
C HIS B 501 -8.63 21.25 1.86
N LEU B 502 -7.69 22.01 2.41
CA LEU B 502 -6.87 21.54 3.49
C LEU B 502 -7.76 21.17 4.67
N ASP B 503 -8.85 21.92 4.85
CA ASP B 503 -9.81 21.61 5.91
C ASP B 503 -10.50 20.30 5.62
N GLY B 504 -10.74 20.01 4.35
CA GLY B 504 -11.33 18.74 3.95
C GLY B 504 -10.44 17.54 4.23
N CYS B 505 -9.18 17.65 3.82
CA CYS B 505 -8.20 16.59 4.08
C CYS B 505 -7.98 16.36 5.58
N LEU B 506 -7.73 17.46 6.30
CA LEU B 506 -7.65 17.40 7.76
C LEU B 506 -8.92 16.79 8.34
N SER B 507 -10.04 16.99 7.67
CA SER B 507 -11.27 16.37 8.12
C SER B 507 -11.15 14.86 7.96
N VAL B 508 -10.50 14.40 6.90
CA VAL B 508 -10.34 12.94 6.74
C VAL B 508 -9.44 12.35 7.82
N ILE B 509 -8.26 12.94 7.95
CA ILE B 509 -7.29 12.58 8.99
C ILE B 509 -7.93 12.55 10.39
N ALA B 510 -8.72 13.56 10.70
CA ALA B 510 -9.42 13.62 11.98
C ALA B 510 -10.53 12.56 12.11
N GLN B 511 -11.22 12.26 11.01
CA GLN B 511 -12.27 11.23 11.04
C GLN B 511 -11.63 9.90 11.40
N ALA B 512 -10.47 9.64 10.79
CA ALA B 512 -9.67 8.46 11.15
C ALA B 512 -9.18 8.52 12.59
N PHE B 513 -8.83 9.72 13.06
CA PHE B 513 -8.37 9.90 14.43
C PHE B 513 -9.45 9.51 15.43
N MET B 514 -10.68 9.93 15.14
CA MET B 514 -11.84 9.60 15.96
C MET B 514 -12.08 8.11 15.92
N ASP B 515 -12.00 7.54 14.72
CA ASP B 515 -12.25 6.12 14.57
C ASP B 515 -11.20 5.27 15.28
N SER B 516 -10.05 5.88 15.57
CA SER B 516 -9.00 5.23 16.35
C SER B 516 -9.51 4.88 17.75
N PHE B 517 -10.43 5.70 18.26
CA PHE B 517 -10.94 5.54 19.62
C PHE B 517 -12.29 4.82 19.65
N SER B 518 -12.73 4.30 18.52
CA SER B 518 -14.01 3.62 18.49
C SER B 518 -13.94 2.33 19.32
N LEU B 519 -15.09 1.89 19.80
CA LEU B 519 -15.16 0.71 20.65
C LEU B 519 -16.01 -0.35 19.97
N THR B 520 -16.20 -0.17 18.67
CA THR B 520 -17.04 -1.03 17.86
C THR B 520 -16.23 -1.57 16.68
N ASP B 521 -16.40 -2.85 16.36
CA ASP B 521 -15.60 -3.48 15.32
C ASP B 521 -16.17 -3.22 13.93
N THR B 522 -15.84 -2.09 13.32
CA THR B 522 -16.33 -1.80 11.97
C THR B 522 -15.73 -2.77 10.96
N HIS B 523 -16.59 -3.42 10.19
CA HIS B 523 -16.14 -4.29 9.11
C HIS B 523 -16.30 -3.60 7.77
N LEU B 524 -15.16 -3.39 7.11
CA LEU B 524 -15.11 -2.67 5.85
C LEU B 524 -15.60 -3.54 4.71
N ASP B 525 -16.51 -2.99 3.91
CA ASP B 525 -17.05 -3.70 2.77
C ASP B 525 -17.30 -2.71 1.64
N LYS B 526 -17.71 -3.24 0.49
CA LYS B 526 -17.90 -2.46 -0.73
C LYS B 526 -18.74 -1.20 -0.56
N HIS B 527 -19.57 -1.18 0.49
CA HIS B 527 -20.41 -0.04 0.79
C HIS B 527 -19.89 0.69 2.03
N SER B 528 -19.01 1.66 1.80
CA SER B 528 -18.41 2.45 2.85
C SER B 528 -17.86 3.73 2.23
N PRO B 529 -17.80 4.83 3.02
CA PRO B 529 -17.20 6.08 2.53
C PRO B 529 -15.77 5.83 2.09
N THR B 530 -15.32 6.53 1.05
CA THR B 530 -13.95 6.39 0.61
C THR B 530 -12.99 6.90 1.70
N ASN B 531 -13.41 7.97 2.36
CA ASN B 531 -12.71 8.53 3.51
C ASN B 531 -12.44 7.50 4.61
N LYS B 532 -13.30 6.49 4.71
CA LYS B 532 -13.12 5.43 5.71
C LYS B 532 -12.28 4.28 5.14
N LEU B 533 -12.29 4.15 3.81
CA LEU B 533 -11.54 3.10 3.12
C LEU B 533 -10.09 3.49 2.87
N LEU B 534 -9.74 4.74 3.13
CA LEU B 534 -8.34 5.15 3.05
C LEU B 534 -7.57 4.63 4.26
N TYR B 535 -8.05 4.96 5.45
CA TYR B 535 -7.30 4.62 6.66
C TYR B 535 -7.78 3.32 7.30
N GLY B 536 -8.58 2.56 6.56
CA GLY B 536 -9.24 1.37 7.09
C GLY B 536 -8.32 0.34 7.71
N LYS B 537 -7.27 -0.01 6.98
CA LYS B 537 -6.35 -1.05 7.42
C LYS B 537 -5.55 -0.61 8.64
N ASP B 538 -5.45 0.69 8.86
CA ASP B 538 -4.62 1.22 9.95
C ASP B 538 -5.36 1.33 11.27
N ILE B 539 -6.68 1.44 11.20
CA ILE B 539 -7.48 1.68 12.40
C ILE B 539 -7.36 0.61 13.49
N PRO B 540 -7.49 -0.68 13.13
CA PRO B 540 -7.40 -1.68 14.21
C PRO B 540 -6.09 -1.64 15.00
N GLN B 541 -5.00 -1.18 14.41
CA GLN B 541 -3.80 -0.94 15.18
C GLN B 541 -4.02 0.15 16.21
N TYR B 542 -4.44 1.33 15.74
CA TYR B 542 -4.63 2.49 16.60
C TYR B 542 -5.57 2.16 17.73
N LYS B 543 -6.59 1.37 17.43
CA LYS B 543 -7.55 0.94 18.46
C LYS B 543 -6.85 0.29 19.63
N GLN B 544 -5.81 -0.48 19.33
CA GLN B 544 -5.03 -1.18 20.35
C GLN B 544 -4.11 -0.23 21.11
N GLU B 545 -3.48 0.70 20.40
CA GLU B 545 -2.60 1.67 21.03
C GLU B 545 -3.39 2.59 21.94
N VAL B 546 -4.64 2.84 21.56
CA VAL B 546 -5.54 3.68 22.32
C VAL B 546 -5.94 3.00 23.62
N LYS B 547 -6.28 1.72 23.53
CA LYS B 547 -6.61 0.91 24.72
C LYS B 547 -5.41 0.87 25.65
N SER B 548 -4.23 0.78 25.04
CA SER B 548 -2.97 0.84 25.76
C SER B 548 -2.82 2.14 26.51
N TYR B 549 -2.73 3.25 25.77
CA TYR B 549 -2.60 4.60 26.32
C TYR B 549 -3.42 4.82 27.57
N TYR B 550 -4.69 4.40 27.54
CA TYR B 550 -5.58 4.52 28.68
C TYR B 550 -5.11 3.66 29.84
N LYS B 551 -4.81 2.41 29.53
CA LYS B 551 -4.37 1.45 30.54
C LYS B 551 -3.08 1.89 31.22
N LEU B 552 -2.11 2.37 30.44
CA LEU B 552 -0.82 2.77 31.01
C LEU B 552 -0.95 3.99 31.91
N VAL B 553 -1.86 4.89 31.54
CA VAL B 553 -2.13 6.07 32.35
C VAL B 553 -2.68 5.65 33.72
N LYS B 554 -3.64 4.74 33.70
CA LYS B 554 -4.25 4.22 34.92
C LYS B 554 -3.19 3.56 35.78
N ASP B 555 -2.17 3.01 35.13
CA ASP B 555 -1.10 2.33 35.85
C ASP B 555 -0.01 3.28 36.35
N GLN B 556 0.15 4.42 35.67
CA GLN B 556 1.10 5.43 36.11
C GLN B 556 0.74 5.91 37.52
N THR B 557 1.76 6.20 38.32
CA THR B 557 1.56 6.61 39.71
C THR B 557 0.61 7.79 39.88
N SER B 558 -0.03 7.88 41.05
CA SER B 558 -0.99 8.95 41.33
C SER B 558 -0.33 10.32 41.25
N ILE B 559 -1.15 11.36 41.20
CA ILE B 559 -0.63 12.72 41.16
C ILE B 559 -0.68 13.41 42.52
N SER B 560 0.49 13.77 43.02
CA SER B 560 0.64 14.41 44.31
C SER B 560 -0.11 15.72 44.36
N SER B 561 -0.90 15.91 45.41
CA SER B 561 -1.69 17.13 45.58
C SER B 561 -0.77 18.34 45.58
N GLN B 562 0.41 18.20 46.18
CA GLN B 562 1.40 19.26 46.18
C GLN B 562 1.81 19.59 44.74
N GLU B 563 1.98 18.55 43.93
CA GLU B 563 2.39 18.72 42.53
C GLU B 563 1.27 19.29 41.67
N LEU B 564 0.04 18.85 41.92
CA LEU B 564 -1.12 19.38 41.21
C LEU B 564 -1.29 20.86 41.51
N LYS B 565 -1.22 21.22 42.78
CA LYS B 565 -1.35 22.61 43.18
C LYS B 565 -0.23 23.44 42.56
N THR B 566 1.02 22.98 42.70
CA THR B 566 2.17 23.69 42.14
C THR B 566 1.98 23.98 40.67
N PHE B 567 1.61 22.95 39.92
CA PHE B 567 1.37 23.09 38.50
C PHE B 567 0.24 24.08 38.20
N LEU B 568 -0.90 23.90 38.86
CA LEU B 568 -2.09 24.71 38.56
C LEU B 568 -1.88 26.19 38.87
N GLN B 569 -1.19 26.46 39.97
CA GLN B 569 -0.90 27.83 40.35
C GLN B 569 0.15 28.41 39.41
N GLU B 570 1.05 27.54 38.93
CA GLU B 570 2.04 27.96 37.96
C GLU B 570 1.35 28.43 36.67
N GLU B 571 0.43 27.62 36.17
CA GLU B 571 -0.33 27.95 34.98
C GLU B 571 -1.22 29.17 35.18
N SER B 572 -1.70 29.36 36.40
CA SER B 572 -2.45 30.56 36.73
C SER B 572 -1.55 31.77 36.59
N LYS B 573 -0.31 31.64 37.07
CA LYS B 573 0.66 32.73 37.04
C LYS B 573 1.10 33.09 35.62
N LYS B 574 1.20 32.08 34.76
CA LYS B 574 1.68 32.28 33.39
C LYS B 574 0.85 33.28 32.60
N HIS B 575 -0.45 33.36 32.89
CA HIS B 575 -1.34 34.23 32.13
C HIS B 575 -2.32 34.96 33.05
N GLN B 576 -1.83 35.40 34.22
CA GLN B 576 -2.68 36.08 35.18
C GLN B 576 -3.11 37.44 34.65
N ASN B 577 -2.17 38.15 34.07
CA ASN B 577 -2.42 39.49 33.54
C ASN B 577 -2.56 39.50 32.03
N GLU B 578 -2.92 38.36 31.45
CA GLU B 578 -3.16 38.27 30.02
C GLU B 578 -4.57 38.70 29.67
N PHE B 579 -5.53 38.32 30.53
CA PHE B 579 -6.93 38.69 30.33
C PHE B 579 -7.40 39.51 31.51
N ASN B 580 -8.22 40.53 31.24
CA ASN B 580 -8.82 41.31 32.31
C ASN B 580 -10.09 40.67 32.84
N GLU B 581 -10.13 40.42 34.15
CA GLU B 581 -11.32 39.88 34.78
C GLU B 581 -12.45 40.89 34.68
N SER B 582 -12.10 42.16 34.49
CA SER B 582 -13.06 43.25 34.38
C SER B 582 -14.23 42.95 33.44
N ALA B 583 -13.96 42.89 32.14
CA ALA B 583 -14.99 42.66 31.14
C ALA B 583 -15.72 41.33 31.30
N ALA B 584 -15.02 40.31 31.77
CA ALA B 584 -15.62 39.00 32.00
C ALA B 584 -16.68 39.03 33.11
N LEU B 585 -16.28 39.53 34.28
CA LEU B 585 -17.19 39.66 35.41
C LEU B 585 -18.37 40.55 35.01
N ARG B 586 -18.06 41.63 34.31
CA ARG B 586 -19.08 42.56 33.81
C ARG B 586 -20.14 41.85 32.98
N GLU B 587 -19.70 41.13 31.94
CA GLU B 587 -20.63 40.40 31.08
C GLU B 587 -21.35 39.27 31.83
N LEU B 588 -20.74 38.79 32.90
CA LEU B 588 -21.29 37.71 33.72
C LEU B 588 -22.45 38.19 34.61
N TYR B 589 -22.27 39.36 35.19
CA TYR B 589 -23.30 39.94 36.04
C TYR B 589 -24.59 40.13 35.26
N LYS B 590 -24.49 40.35 33.95
CA LYS B 590 -25.67 40.47 33.10
C LYS B 590 -26.58 39.27 33.32
N TYR B 591 -25.96 38.08 33.30
CA TYR B 591 -26.68 36.83 33.54
C TYR B 591 -27.14 36.74 34.98
N MET B 592 -26.26 37.12 35.91
CA MET B 592 -26.63 37.10 37.32
C MET B 592 -27.95 37.83 37.54
N GLN B 593 -28.01 39.10 37.17
CA GLN B 593 -29.21 39.90 37.32
C GLN B 593 -30.37 39.42 36.44
N ARG B 594 -30.05 38.77 35.32
CA ARG B 594 -31.12 38.19 34.49
C ARG B 594 -31.89 37.11 35.26
N TYR B 595 -31.18 36.36 36.11
CA TYR B 595 -31.85 35.29 36.85
C TYR B 595 -31.70 35.40 38.37
N PHE B 596 -31.62 36.64 38.85
CA PHE B 596 -31.32 36.94 40.25
C PHE B 596 -32.24 36.25 41.24
N THR B 597 -33.55 36.41 41.03
CA THR B 597 -34.54 35.81 41.92
C THR B 597 -34.34 34.30 42.03
N GLU B 598 -34.22 33.63 40.89
CA GLU B 598 -34.03 32.18 40.83
C GLU B 598 -32.78 31.73 41.58
N ILE B 599 -31.65 32.34 41.23
CA ILE B 599 -30.38 32.09 41.91
C ILE B 599 -30.55 32.22 43.42
N PHE B 600 -31.21 33.29 43.86
CA PHE B 600 -31.43 33.50 45.28
C PHE B 600 -32.23 32.34 45.88
N GLN B 601 -33.33 31.98 45.22
CA GLN B 601 -34.19 30.89 45.69
C GLN B 601 -33.43 29.58 45.86
N LYS B 602 -32.68 29.20 44.82
CA LYS B 602 -31.83 28.01 44.89
C LYS B 602 -30.80 28.15 46.02
N LEU B 603 -30.35 29.38 46.25
CA LEU B 603 -29.37 29.62 47.30
C LEU B 603 -30.00 29.37 48.66
N GLU B 604 -31.28 29.69 48.79
CA GLU B 604 -31.99 29.43 50.02
C GLU B 604 -32.18 27.94 50.20
N GLN B 605 -32.44 27.24 49.09
CA GLN B 605 -32.74 25.81 49.13
C GLN B 605 -31.63 24.96 49.78
N THR B 606 -30.45 25.54 49.93
CA THR B 606 -29.31 24.81 50.47
C THR B 606 -28.69 25.44 51.73
N ASP B 607 -29.55 26.04 52.57
CA ASP B 607 -29.15 26.63 53.84
C ASP B 607 -27.89 27.50 53.77
N ALA B 608 -27.97 28.61 53.03
CA ALA B 608 -26.86 29.54 52.91
C ALA B 608 -26.77 30.51 54.10
N PRO B 609 -25.55 31.02 54.39
CA PRO B 609 -25.36 32.01 55.47
C PRO B 609 -25.90 33.40 55.13
N SER B 610 -26.07 34.23 56.16
CA SER B 610 -26.53 35.60 55.96
C SER B 610 -25.55 36.35 55.08
N ASN B 611 -24.30 36.44 55.55
CA ASN B 611 -23.24 37.22 54.88
C ASN B 611 -23.16 36.99 53.37
N LEU B 612 -23.58 35.81 52.93
CA LEU B 612 -23.53 35.44 51.51
C LEU B 612 -24.66 36.07 50.70
N LYS B 613 -25.88 35.95 51.21
CA LYS B 613 -27.04 36.58 50.58
C LYS B 613 -26.86 38.09 50.60
N GLU B 614 -26.34 38.59 51.72
CA GLU B 614 -26.03 40.01 51.85
C GLU B 614 -24.99 40.43 50.81
N ASN B 615 -23.98 39.58 50.59
CA ASN B 615 -23.00 39.83 49.54
C ASN B 615 -23.62 39.92 48.14
N MET B 616 -24.49 38.96 47.84
CA MET B 616 -25.22 38.94 46.57
C MET B 616 -25.99 40.24 46.33
N HIS B 617 -26.89 40.57 47.26
CA HIS B 617 -27.64 41.81 47.15
C HIS B 617 -26.71 43.03 47.11
N ARG B 618 -25.52 42.90 47.70
CA ARG B 618 -24.56 44.00 47.68
C ARG B 618 -23.99 44.24 46.28
N VAL B 619 -23.62 43.16 45.59
CA VAL B 619 -23.14 43.27 44.22
C VAL B 619 -24.25 43.87 43.36
N LYS B 620 -25.48 43.36 43.52
CA LYS B 620 -26.59 43.92 42.77
C LYS B 620 -26.77 45.41 43.03
N GLU B 621 -26.56 45.82 44.28
CA GLU B 621 -26.74 47.22 44.67
C GLU B 621 -25.53 48.09 44.36
N LEU B 622 -24.44 47.47 43.89
CA LEU B 622 -23.26 48.22 43.47
C LEU B 622 -23.25 48.42 41.96
N PHE B 623 -23.61 47.38 41.22
CA PHE B 623 -23.73 47.51 39.77
C PHE B 623 -24.93 48.38 39.40
N ASP B 624 -25.93 48.39 40.26
CA ASP B 624 -27.12 49.21 40.05
C ASP B 624 -27.02 50.53 40.81
#